data_5MGC
#
_entry.id   5MGC
#
_cell.length_a   59.627
_cell.length_b   106.659
_cell.length_c   84.425
_cell.angle_alpha   90.00
_cell.angle_beta   96.13
_cell.angle_gamma   90.00
#
_symmetry.space_group_name_H-M   'P 1 21 1'
#
loop_
_entity.id
_entity.type
_entity.pdbx_description
1 polymer 'Probable beta-galactosidase A'
2 branched alpha-D-mannopyranose-(1-2)-alpha-D-mannopyranose-(1-2)-alpha-D-mannopyranose-(1-3)-[alpha-D-mannopyranose-(1-3)-alpha-D-mannopyranose-(1-6)]beta-D-mannopyranose-(1-4)-2-acetamido-2-deoxy-beta-D-glucopyranose-(1-4)-2-acetamido-2-deoxy-beta-D-glucopyranose
3 branched alpha-D-mannopyranose-(1-2)-alpha-D-mannopyranose-(1-2)-alpha-D-mannopyranose-(1-3)-[alpha-D-mannopyranose-(1-2)-alpha-D-mannopyranose-(1-6)-[alpha-D-mannopyranose-(1-3)]alpha-D-mannopyranose-(1-6)]beta-D-mannopyranose-(1-4)-2-acetamido-2-deoxy-beta-D-glucopyranose-(1-4)-2-acetamido-2-deoxy-beta-D-glucopyranose
4 branched alpha-D-mannopyranose-(1-2)-alpha-D-mannopyranose-(1-2)-alpha-D-mannopyranose-(1-3)-beta-D-mannopyranose-(1-4)-2-acetamido-2-deoxy-beta-D-glucopyranose-(1-4)-2-acetamido-2-deoxy-beta-D-glucopyranose
5 branched beta-D-galactopyranose-(1-4)-beta-D-galactopyranose-(1-4)-alpha-D-glucopyranose
6 non-polymer 2-acetamido-2-deoxy-beta-D-glucopyranose
7 water water
#
_entity_poly.entity_id   1
_entity_poly.type   'polypeptide(L)'
_entity_poly.pdbx_seq_one_letter_code
;MKLSSACAIALLAAQAAGASIKHRINGFTLTEHSDPAKRELLQKYVTWDDKSLFINGERIMIFSGEFHPFRLPVKELQLD
IFQKVKALGFNCVSFYVDWALVEGKPGEYRADGIFDLEPFFDAASEAGIYLLARPGPYINAESSGGGFPGWLQRVNGTLR
SSDKAYLDATDNYVSHVAATIAKYQITNGGPIILYQPENEYTSGCCGVEFPDPVYMQYVEDQARNAGVVIPLINNDASAS
GNNAPGTGKGAVDIYGHDSYPLGFDCANPTVWPSGDLPTNFRTLHLEQSPTTPYAIVQFQGGSYDPWGGPGFAACSELLN
NEFERVFYKNDFSFQIAIMNLYMIFGGTNWGNLGYPNGYTSYDYGSAVTESRNITREKYSELKLLGNFAKVSPGYLTASP
GNLTTSGYADTTDLTVTPLLGNSTGSFFVVRHSDYSSEESTSYKLRLPTSAGSVTIPQLGGTLTLNGRDSKIHVTDYNVS
GTNIIYSTAEVFTWKKFADGKVLVLYGGAGEHHELAISTKSNVTVIEGSESGISSKQTSSSVVVGWDVSTTRRIIQVGDL
KILLLDRNSAYNYWVPQLATDGTSPGFSTPEKVASSIIVKAGYLVRTAYLKGSGLYLTADFNATTSVEVIGVPSTAKNLF
INGDKTSHTVDKNGIWSATVDYNAPDISLPSLKDLDWKYVDTLPEIQSSYDDSLWPAADLKQTKNTLRSLTTPTSLYSSD
YGFHTGYLLYRGHFTATGNESTFAIDTQGGSAFGSSVWLNGTYLGSWTGLYANSDYNATYNLPQLQAGKTYVITVVIDNM
GLEENWTVGEDLMKTPRGILNFLLAGRPSSAISWKLTGNLGGEDYEDKVRGPLNEGGLYAERQGFHQPEPPSQNWKSSSP
LEGLSEAGIGFYSASFDLDLPKGWDVPLFLNIGNSTTPSPYRVQVYVNGYQYAKYISNIGPQTSFPVPEGILNYRGTNWL
AVTLWALDSAGGKLESLELSYTTPVLTALGEVESVDQPKYKKRKGAYHHHHHH
;
_entity_poly.pdbx_strand_id   A
#
loop_
_chem_comp.id
_chem_comp.type
_chem_comp.name
_chem_comp.formula
BMA D-saccharide, beta linking beta-D-mannopyranose 'C6 H12 O6'
GAL D-saccharide, beta linking beta-D-galactopyranose 'C6 H12 O6'
GLC D-saccharide, alpha linking alpha-D-glucopyranose 'C6 H12 O6'
MAN D-saccharide, alpha linking alpha-D-mannopyranose 'C6 H12 O6'
NAG D-saccharide, beta linking 2-acetamido-2-deoxy-beta-D-glucopyranose 'C8 H15 N O6'
#
# COMPACT_ATOMS: atom_id res chain seq x y z
N LEU A 41 8.37 9.82 -28.27
CA LEU A 41 7.85 11.07 -28.90
C LEU A 41 8.59 12.32 -28.41
N LEU A 42 8.40 12.69 -27.14
CA LEU A 42 8.91 13.97 -26.61
C LEU A 42 10.26 13.91 -25.89
N GLN A 43 10.88 12.73 -25.87
CA GLN A 43 12.20 12.54 -25.26
C GLN A 43 12.77 11.17 -25.64
N LYS A 44 14.07 10.98 -25.46
CA LYS A 44 14.78 9.77 -25.93
C LYS A 44 15.12 8.78 -24.81
N TYR A 45 14.89 9.16 -23.56
CA TYR A 45 15.26 8.34 -22.41
C TYR A 45 14.36 7.12 -22.20
N VAL A 46 13.06 7.29 -22.39
CA VAL A 46 12.08 6.19 -22.23
C VAL A 46 11.30 6.06 -23.53
N THR A 47 11.46 4.92 -24.20
CA THR A 47 10.71 4.61 -25.42
C THR A 47 10.09 3.22 -25.29
N TRP A 48 9.46 2.74 -26.34
CA TRP A 48 8.83 1.44 -26.29
C TRP A 48 8.66 0.86 -27.67
N ASP A 49 8.40 -0.44 -27.72
CA ASP A 49 7.87 -1.07 -28.94
C ASP A 49 6.71 -1.98 -28.54
N ASP A 50 6.35 -2.94 -29.40
CA ASP A 50 5.26 -3.87 -29.08
C ASP A 50 5.54 -4.85 -27.93
N LYS A 51 6.82 -5.08 -27.57
CA LYS A 51 7.17 -6.05 -26.52
C LYS A 51 7.41 -5.44 -25.14
N SER A 52 8.17 -4.34 -25.07
CA SER A 52 8.63 -3.80 -23.78
C SER A 52 8.99 -2.33 -23.85
N LEU A 53 9.16 -1.73 -22.67
CA LEU A 53 9.84 -0.44 -22.58
C LEU A 53 11.32 -0.60 -22.87
N PHE A 54 11.93 0.51 -23.28
CA PHE A 54 13.39 0.67 -23.36
C PHE A 54 13.78 1.85 -22.46
N ILE A 55 14.78 1.67 -21.62
CA ILE A 55 15.35 2.78 -20.85
C ILE A 55 16.81 2.96 -21.25
N ASN A 56 17.10 4.16 -21.80
CA ASN A 56 18.36 4.48 -22.47
C ASN A 56 18.76 3.41 -23.51
N GLY A 57 17.79 2.97 -24.31
CA GLY A 57 18.05 2.06 -25.43
C GLY A 57 18.16 0.58 -25.07
N GLU A 58 17.85 0.21 -23.82
CA GLU A 58 17.95 -1.17 -23.38
C GLU A 58 16.59 -1.63 -22.87
N ARG A 59 16.14 -2.80 -23.34
CA ARG A 59 14.90 -3.41 -22.87
C ARG A 59 14.93 -3.61 -21.36
N ILE A 60 13.76 -3.45 -20.76
CA ILE A 60 13.60 -3.72 -19.35
C ILE A 60 12.18 -4.24 -19.09
N MET A 61 12.07 -5.20 -18.20
CA MET A 61 10.78 -5.65 -17.72
C MET A 61 10.54 -4.88 -16.42
N ILE A 62 9.56 -3.96 -16.46
CA ILE A 62 9.21 -3.14 -15.31
C ILE A 62 8.37 -3.97 -14.35
N PHE A 63 8.93 -4.31 -13.19
CA PHE A 63 8.21 -4.98 -12.13
C PHE A 63 8.13 -4.00 -10.97
N SER A 64 6.92 -3.56 -10.65
CA SER A 64 6.67 -2.42 -9.77
C SER A 64 5.77 -2.80 -8.60
N GLY A 65 5.83 -1.96 -7.56
CA GLY A 65 4.97 -2.06 -6.38
C GLY A 65 4.35 -0.71 -6.02
N GLU A 66 3.09 -0.73 -5.57
CA GLU A 66 2.36 0.47 -5.22
C GLU A 66 2.66 0.85 -3.79
N PHE A 67 3.01 2.13 -3.59
CA PHE A 67 3.40 2.65 -2.30
C PHE A 67 3.01 4.14 -2.29
N HIS A 68 2.17 4.53 -1.33
CA HIS A 68 1.61 5.89 -1.25
C HIS A 68 2.30 6.74 -0.16
N PRO A 69 3.06 7.78 -0.53
CA PRO A 69 3.87 8.49 0.47
C PRO A 69 3.06 9.12 1.61
N PHE A 70 1.84 9.56 1.33
CA PHE A 70 0.94 10.15 2.34
C PHE A 70 0.46 9.18 3.42
N ARG A 71 0.57 7.87 3.17
CA ARG A 71 0.27 6.83 4.18
C ARG A 71 1.49 6.37 5.03
N LEU A 72 2.69 6.90 4.73
CA LEU A 72 3.88 6.70 5.57
C LEU A 72 4.72 7.98 5.53
N PRO A 73 4.36 8.97 6.36
CA PRO A 73 4.91 10.33 6.21
C PRO A 73 6.20 10.57 7.03
N VAL A 74 7.14 9.63 6.95
CA VAL A 74 8.42 9.68 7.66
C VAL A 74 9.52 9.33 6.65
N LYS A 75 10.33 10.32 6.28
CA LYS A 75 11.20 10.19 5.09
C LYS A 75 12.22 9.04 5.15
N GLU A 76 12.69 8.70 6.34
CA GLU A 76 13.68 7.64 6.50
C GLU A 76 13.06 6.26 6.32
N LEU A 77 11.81 6.12 6.73
CA LEU A 77 11.06 4.87 6.54
C LEU A 77 10.60 4.72 5.09
N GLN A 78 10.39 5.81 4.37
CA GLN A 78 10.12 5.70 2.94
C GLN A 78 11.28 4.99 2.24
N LEU A 79 12.52 5.41 2.56
CA LEU A 79 13.73 4.75 2.07
C LEU A 79 13.78 3.25 2.42
N ASP A 80 13.40 2.91 3.65
CA ASP A 80 13.29 1.52 4.10
C ASP A 80 12.44 0.66 3.17
N ILE A 81 11.28 1.18 2.76
CA ILE A 81 10.35 0.45 1.89
C ILE A 81 11.00 0.31 0.50
N PHE A 82 11.47 1.42 -0.06
CA PHE A 82 12.17 1.36 -1.36
C PHE A 82 13.27 0.30 -1.41
N GLN A 83 14.07 0.22 -0.35
CA GLN A 83 15.13 -0.78 -0.29
C GLN A 83 14.58 -2.20 -0.21
N LYS A 84 13.48 -2.40 0.52
CA LYS A 84 12.80 -3.70 0.59
C LYS A 84 12.19 -4.13 -0.76
N VAL A 85 11.74 -3.16 -1.55
CA VAL A 85 11.21 -3.38 -2.88
C VAL A 85 12.35 -3.75 -3.82
N LYS A 86 13.43 -2.97 -3.80
CA LYS A 86 14.65 -3.27 -4.58
C LYS A 86 15.19 -4.67 -4.28
N ALA A 87 15.14 -5.10 -3.01
CA ALA A 87 15.58 -6.44 -2.62
C ALA A 87 14.69 -7.58 -3.14
N LEU A 88 13.46 -7.26 -3.61
CA LEU A 88 12.62 -8.26 -4.30
C LEU A 88 13.06 -8.54 -5.74
N GLY A 89 14.00 -7.76 -6.26
CA GLY A 89 14.34 -7.78 -7.69
C GLY A 89 13.53 -6.77 -8.52
N PHE A 90 12.70 -5.97 -7.86
CA PHE A 90 11.85 -4.97 -8.52
C PHE A 90 12.68 -3.77 -8.92
N ASN A 91 12.15 -3.00 -9.85
CA ASN A 91 12.87 -1.83 -10.37
C ASN A 91 12.08 -0.55 -10.39
N CYS A 92 10.85 -0.60 -9.88
CA CYS A 92 9.92 0.51 -9.98
C CYS A 92 8.93 0.54 -8.81
N VAL A 93 8.42 1.74 -8.53
CA VAL A 93 7.36 1.93 -7.57
C VAL A 93 6.34 2.90 -8.19
N SER A 94 5.08 2.61 -7.97
CA SER A 94 3.98 3.42 -8.44
C SER A 94 3.41 4.12 -7.21
N PHE A 95 3.09 5.40 -7.34
CA PHE A 95 2.56 6.17 -6.21
C PHE A 95 1.46 7.13 -6.63
N TYR A 96 0.51 7.35 -5.73
CA TYR A 96 -0.50 8.40 -5.84
C TYR A 96 -0.04 9.61 -5.02
N VAL A 97 -0.55 10.79 -5.38
CA VAL A 97 -0.53 11.97 -4.53
C VAL A 97 -2.01 12.29 -4.20
N ASP A 98 -2.27 12.63 -2.94
CA ASP A 98 -3.61 12.92 -2.46
C ASP A 98 -3.83 14.44 -2.47
N TRP A 99 -4.64 14.89 -3.43
CA TRP A 99 -5.00 16.32 -3.58
C TRP A 99 -5.63 16.86 -2.32
N ALA A 100 -6.55 16.11 -1.72
CA ALA A 100 -7.19 16.54 -0.46
C ALA A 100 -6.21 16.94 0.65
N LEU A 101 -5.03 16.34 0.68
CA LEU A 101 -4.01 16.64 1.71
C LEU A 101 -3.15 17.87 1.42
N VAL A 102 -3.00 18.23 0.15
CA VAL A 102 -2.09 19.31 -0.25
C VAL A 102 -2.77 20.59 -0.79
N GLU A 103 -4.10 20.59 -0.89
CA GLU A 103 -4.83 21.83 -1.19
C GLU A 103 -6.15 21.85 -0.39
N GLY A 104 -6.03 21.76 0.93
CA GLY A 104 -7.18 21.78 1.85
C GLY A 104 -7.93 23.10 1.80
N LYS A 105 -7.17 24.17 1.60
CA LYS A 105 -7.72 25.48 1.30
C LYS A 105 -7.61 25.73 -0.19
N PRO A 106 -8.74 26.01 -0.89
CA PRO A 106 -8.65 26.25 -2.34
C PRO A 106 -7.78 27.47 -2.65
N GLY A 107 -6.83 27.30 -3.58
CA GLY A 107 -5.88 28.35 -3.92
C GLY A 107 -4.56 28.31 -3.17
N GLU A 108 -4.45 27.47 -2.13
CA GLU A 108 -3.21 27.32 -1.37
C GLU A 108 -2.68 25.89 -1.45
N TYR A 109 -1.82 25.66 -2.43
CA TYR A 109 -1.08 24.41 -2.57
C TYR A 109 0.04 24.33 -1.54
N ARG A 110 0.10 23.22 -0.81
CA ARG A 110 1.08 23.01 0.25
C ARG A 110 1.48 21.55 0.23
N ALA A 111 2.64 21.28 -0.33
CA ALA A 111 3.25 19.96 -0.26
C ALA A 111 4.62 20.14 0.37
N ASP A 112 4.61 20.41 1.67
CA ASP A 112 5.81 20.70 2.47
C ASP A 112 5.90 19.75 3.66
N GLY A 113 7.07 19.73 4.30
CA GLY A 113 7.30 18.92 5.48
C GLY A 113 6.98 17.45 5.24
N ILE A 114 6.00 16.92 5.97
CA ILE A 114 5.61 15.50 5.82
C ILE A 114 4.91 15.16 4.50
N PHE A 115 4.34 16.17 3.82
CA PHE A 115 3.70 15.99 2.51
C PHE A 115 4.61 16.33 1.31
N ASP A 116 5.90 16.57 1.57
CA ASP A 116 6.86 16.92 0.52
C ASP A 116 7.20 15.66 -0.29
N LEU A 117 6.99 15.73 -1.60
CA LEU A 117 7.31 14.63 -2.50
C LEU A 117 8.83 14.52 -2.80
N GLU A 118 9.59 15.59 -2.64
CA GLU A 118 11.01 15.62 -3.04
C GLU A 118 11.91 14.61 -2.28
N PRO A 119 11.82 14.52 -0.93
CA PRO A 119 12.55 13.45 -0.22
C PRO A 119 12.12 12.03 -0.59
N PHE A 120 10.84 11.85 -0.87
CA PHE A 120 10.32 10.59 -1.42
C PHE A 120 11.02 10.25 -2.75
N PHE A 121 11.08 11.20 -3.68
CA PHE A 121 11.80 10.99 -4.96
C PHE A 121 13.31 10.74 -4.80
N ASP A 122 13.96 11.49 -3.91
CA ASP A 122 15.39 11.25 -3.58
C ASP A 122 15.65 9.89 -2.94
N ALA A 123 14.74 9.44 -2.09
CA ALA A 123 14.82 8.09 -1.53
C ALA A 123 14.67 6.99 -2.60
N ALA A 124 13.86 7.25 -3.62
CA ALA A 124 13.69 6.28 -4.75
C ALA A 124 14.98 6.16 -5.53
N SER A 125 15.54 7.32 -5.90
CA SER A 125 16.86 7.42 -6.54
C SER A 125 17.96 6.71 -5.77
N GLU A 126 18.07 7.02 -4.47
CA GLU A 126 19.06 6.37 -3.58
C GLU A 126 18.89 4.84 -3.51
N ALA A 127 17.66 4.35 -3.47
CA ALA A 127 17.38 2.92 -3.47
C ALA A 127 17.59 2.25 -4.85
N GLY A 128 17.57 3.03 -5.93
CA GLY A 128 17.74 2.52 -7.31
C GLY A 128 16.42 2.04 -7.91
N ILE A 129 15.35 2.79 -7.67
CA ILE A 129 13.98 2.42 -7.97
C ILE A 129 13.36 3.53 -8.84
N TYR A 130 12.92 3.15 -10.03
CA TYR A 130 12.20 4.08 -10.89
C TYR A 130 10.80 4.32 -10.35
N LEU A 131 10.14 5.37 -10.82
CA LEU A 131 8.80 5.74 -10.37
C LEU A 131 7.80 5.90 -11.50
N LEU A 132 6.58 5.44 -11.23
CA LEU A 132 5.40 5.73 -12.03
C LEU A 132 4.58 6.71 -11.21
N ALA A 133 4.39 7.93 -11.73
CA ALA A 133 3.73 9.01 -10.98
C ALA A 133 2.25 9.04 -11.33
N ARG A 134 1.40 9.03 -10.31
CA ARG A 134 -0.04 8.96 -10.49
C ARG A 134 -0.71 10.05 -9.65
N PRO A 135 -0.62 11.32 -10.09
CA PRO A 135 -1.10 12.40 -9.22
C PRO A 135 -2.60 12.70 -9.32
N GLY A 136 -3.34 11.90 -10.10
CA GLY A 136 -4.78 12.07 -10.26
C GLY A 136 -5.13 13.04 -11.39
N PRO A 137 -5.94 14.08 -11.14
CA PRO A 137 -6.36 14.54 -9.80
C PRO A 137 -7.25 13.61 -8.97
N TYR A 138 -8.05 12.76 -9.63
CA TYR A 138 -8.80 11.71 -8.97
C TYR A 138 -7.92 10.50 -8.84
N ILE A 139 -7.83 9.94 -7.64
CA ILE A 139 -7.00 8.76 -7.38
C ILE A 139 -7.73 7.52 -6.84
N ASN A 140 -8.94 7.69 -6.32
CA ASN A 140 -9.71 6.61 -5.70
C ASN A 140 -8.97 6.16 -4.43
N ALA A 141 -8.27 5.02 -4.47
CA ALA A 141 -7.25 4.65 -3.49
C ALA A 141 -7.74 4.41 -2.07
N GLU A 142 -9.04 4.12 -1.92
CA GLU A 142 -9.67 4.01 -0.61
C GLU A 142 -9.37 5.23 0.28
N SER A 143 -9.36 6.43 -0.32
CA SER A 143 -9.09 7.69 0.39
C SER A 143 -10.32 8.59 0.40
N SER A 144 -10.37 9.49 1.39
CA SER A 144 -11.48 10.42 1.53
C SER A 144 -11.61 11.23 0.25
N GLY A 145 -12.82 11.19 -0.33
CA GLY A 145 -13.12 11.91 -1.57
C GLY A 145 -12.53 11.27 -2.83
N GLY A 146 -11.91 10.11 -2.68
CA GLY A 146 -11.05 9.54 -3.71
C GLY A 146 -9.89 10.46 -4.09
N GLY A 147 -9.53 11.37 -3.18
CA GLY A 147 -8.51 12.35 -3.45
C GLY A 147 -9.03 13.75 -3.55
N PHE A 148 -10.30 13.91 -3.91
CA PHE A 148 -10.89 15.23 -4.06
C PHE A 148 -11.03 15.93 -2.71
N PRO A 149 -10.54 17.16 -2.60
CA PRO A 149 -10.82 17.96 -1.40
C PRO A 149 -12.31 18.15 -1.20
N GLY A 150 -12.72 18.29 0.05
CA GLY A 150 -14.14 18.46 0.40
C GLY A 150 -14.81 19.67 -0.24
N TRP A 151 -14.02 20.69 -0.56
CA TRP A 151 -14.54 21.86 -1.26
C TRP A 151 -15.07 21.59 -2.68
N LEU A 152 -14.71 20.47 -3.29
CA LEU A 152 -15.38 20.04 -4.53
C LEU A 152 -16.89 19.79 -4.39
N GLN A 153 -17.39 19.64 -3.17
CA GLN A 153 -18.84 19.58 -2.93
C GLN A 153 -19.58 20.88 -3.26
N ARG A 154 -18.82 21.99 -3.37
CA ARG A 154 -19.37 23.28 -3.77
C ARG A 154 -19.19 23.62 -5.27
N VAL A 155 -18.62 22.72 -6.08
CA VAL A 155 -18.36 22.98 -7.50
C VAL A 155 -19.64 22.71 -8.33
N ASN A 156 -19.99 23.70 -9.15
CA ASN A 156 -21.21 23.66 -9.94
C ASN A 156 -20.89 23.02 -11.28
N GLY A 157 -20.87 21.70 -11.29
CA GLY A 157 -20.49 20.94 -12.46
C GLY A 157 -20.11 19.52 -12.11
N THR A 158 -20.21 18.65 -13.11
CA THR A 158 -19.97 17.23 -12.94
C THR A 158 -18.48 16.97 -12.72
N LEU A 159 -18.17 16.23 -11.66
CA LEU A 159 -16.79 15.88 -11.34
C LEU A 159 -16.28 14.85 -12.35
N ARG A 160 -15.03 15.04 -12.76
CA ARG A 160 -14.34 14.23 -13.77
C ARG A 160 -14.98 14.33 -15.15
N SER A 161 -15.35 15.55 -15.53
CA SER A 161 -15.95 15.86 -16.83
C SER A 161 -15.34 17.12 -17.45
N SER A 162 -15.83 17.48 -18.63
CA SER A 162 -15.42 18.71 -19.33
C SER A 162 -15.96 19.99 -18.73
N ASP A 163 -16.95 19.91 -17.86
CA ASP A 163 -17.55 21.10 -17.26
C ASP A 163 -16.45 22.00 -16.71
N LYS A 164 -16.51 23.27 -17.12
CA LYS A 164 -15.47 24.26 -16.84
C LYS A 164 -15.21 24.45 -15.35
N ALA A 165 -16.25 24.40 -14.53
CA ALA A 165 -16.09 24.56 -13.08
C ALA A 165 -15.20 23.47 -12.47
N TYR A 166 -15.40 22.21 -12.90
CA TYR A 166 -14.52 21.14 -12.46
C TYR A 166 -13.07 21.35 -12.93
N LEU A 167 -12.87 21.57 -14.23
CA LEU A 167 -11.52 21.66 -14.79
C LEU A 167 -10.75 22.82 -14.19
N ASP A 168 -11.42 23.96 -14.04
CA ASP A 168 -10.81 25.10 -13.35
C ASP A 168 -10.40 24.77 -11.94
N ALA A 169 -11.23 24.02 -11.22
CA ALA A 169 -10.95 23.66 -9.84
C ALA A 169 -9.67 22.82 -9.70
N THR A 170 -9.32 22.05 -10.75
CA THR A 170 -8.13 21.20 -10.74
C THR A 170 -6.83 21.88 -11.17
N ASP A 171 -6.90 23.08 -11.75
CA ASP A 171 -5.73 23.66 -12.46
C ASP A 171 -4.58 24.05 -11.53
N ASN A 172 -4.89 24.61 -10.37
CA ASN A 172 -3.84 25.03 -9.43
C ASN A 172 -3.09 23.81 -8.89
N TYR A 173 -3.82 22.77 -8.51
CA TYR A 173 -3.22 21.54 -8.02
C TYR A 173 -2.30 20.92 -9.08
N VAL A 174 -2.78 20.76 -10.31
CA VAL A 174 -2.02 20.01 -11.30
C VAL A 174 -0.77 20.77 -11.73
N SER A 175 -0.89 22.09 -11.96
CA SER A 175 0.28 22.87 -12.36
C SER A 175 1.36 22.84 -11.26
N HIS A 176 0.96 22.74 -10.01
CA HIS A 176 1.94 22.55 -8.94
C HIS A 176 2.51 21.12 -8.88
N VAL A 177 1.64 20.11 -8.79
CA VAL A 177 2.12 18.75 -8.54
C VAL A 177 2.88 18.16 -9.73
N ALA A 178 2.42 18.48 -10.93
CA ALA A 178 3.08 18.01 -12.15
C ALA A 178 4.42 18.72 -12.41
N ALA A 179 4.53 20.00 -12.02
CA ALA A 179 5.81 20.73 -12.10
C ALA A 179 6.87 20.13 -11.19
N THR A 180 6.47 19.71 -10.00
CA THR A 180 7.36 19.01 -9.08
C THR A 180 7.78 17.65 -9.65
N ILE A 181 6.82 16.92 -10.20
CA ILE A 181 7.08 15.67 -10.92
C ILE A 181 8.00 15.88 -12.14
N ALA A 182 7.78 16.96 -12.88
CA ALA A 182 8.60 17.31 -14.06
C ALA A 182 10.08 17.45 -13.71
N LYS A 183 10.33 18.16 -12.61
CA LYS A 183 11.69 18.36 -12.08
C LYS A 183 12.43 17.06 -11.72
N TYR A 184 11.69 15.99 -11.41
CA TYR A 184 12.26 14.70 -11.04
C TYR A 184 12.07 13.60 -12.08
N GLN A 185 11.70 13.99 -13.30
CA GLN A 185 11.70 13.06 -14.44
C GLN A 185 13.08 12.54 -14.73
N ILE A 186 13.15 11.36 -15.35
CA ILE A 186 14.43 10.76 -15.79
C ILE A 186 15.18 11.67 -16.78
N THR A 187 14.44 12.47 -17.54
CA THR A 187 15.00 13.50 -18.44
C THR A 187 15.75 14.63 -17.73
N ASN A 188 15.48 14.82 -16.45
CA ASN A 188 16.21 15.74 -15.58
C ASN A 188 17.05 15.00 -14.52
N GLY A 189 17.50 13.78 -14.84
CA GLY A 189 18.35 12.99 -13.93
C GLY A 189 17.71 12.38 -12.70
N GLY A 190 16.38 12.42 -12.63
CA GLY A 190 15.60 11.85 -11.51
C GLY A 190 15.08 10.44 -11.80
N PRO A 191 14.20 9.92 -10.92
CA PRO A 191 13.70 8.54 -11.05
C PRO A 191 12.41 8.32 -11.84
N ILE A 192 11.65 9.37 -12.15
CA ILE A 192 10.27 9.20 -12.67
C ILE A 192 10.29 8.92 -14.19
N ILE A 193 9.80 7.74 -14.56
CA ILE A 193 9.85 7.27 -15.96
C ILE A 193 8.50 7.26 -16.70
N LEU A 194 7.39 7.23 -15.96
CA LEU A 194 6.05 7.13 -16.53
C LEU A 194 5.08 7.98 -15.71
N TYR A 195 4.02 8.47 -16.36
CA TYR A 195 3.02 9.33 -15.72
C TYR A 195 1.62 8.83 -16.05
N GLN A 196 0.77 8.72 -15.02
CA GLN A 196 -0.63 8.34 -15.23
C GLN A 196 -1.54 9.54 -15.03
N PRO A 197 -2.24 10.00 -16.08
CA PRO A 197 -3.29 10.99 -15.87
C PRO A 197 -4.62 10.31 -15.51
N GLU A 198 -5.41 10.93 -14.64
CA GLU A 198 -6.69 10.36 -14.21
C GLU A 198 -6.50 9.00 -13.52
N ASN A 199 -7.61 8.29 -13.27
CA ASN A 199 -7.52 6.99 -12.63
C ASN A 199 -8.79 6.23 -12.96
N GLU A 200 -8.63 5.08 -13.60
CA GLU A 200 -9.73 4.21 -13.97
C GLU A 200 -10.91 4.98 -14.59
N TYR A 201 -10.61 5.74 -15.63
CA TYR A 201 -11.62 6.44 -16.42
C TYR A 201 -12.28 5.38 -17.31
N THR A 202 -13.33 4.77 -16.78
CA THR A 202 -13.85 3.49 -17.30
C THR A 202 -15.39 3.37 -17.37
N SER A 203 -16.12 3.98 -16.45
CA SER A 203 -17.58 3.95 -16.49
C SER A 203 -18.18 5.33 -16.24
N GLY A 204 -19.20 5.65 -17.03
CA GLY A 204 -20.00 6.87 -16.91
C GLY A 204 -21.49 6.57 -16.81
N CYS A 205 -22.24 7.58 -16.36
CA CYS A 205 -23.70 7.49 -16.21
C CYS A 205 -24.29 8.89 -16.36
N CYS A 206 -25.61 8.94 -16.23
CA CYS A 206 -26.31 10.17 -15.81
C CYS A 206 -26.08 11.34 -16.78
N GLY A 207 -26.04 11.04 -18.07
CA GLY A 207 -25.95 12.07 -19.12
C GLY A 207 -24.57 12.45 -19.64
N VAL A 208 -23.50 11.87 -19.08
CA VAL A 208 -22.12 12.11 -19.57
C VAL A 208 -21.91 11.33 -20.87
N GLU A 209 -21.31 11.96 -21.87
CA GLU A 209 -20.96 11.28 -23.13
C GLU A 209 -19.64 10.52 -22.96
N PHE A 210 -19.74 9.38 -22.28
CA PHE A 210 -18.58 8.61 -21.87
C PHE A 210 -18.18 7.62 -22.97
N PRO A 211 -16.90 7.50 -23.31
CA PRO A 211 -15.78 8.28 -22.77
C PRO A 211 -15.65 9.62 -23.49
N ASP A 212 -15.42 10.68 -22.72
CA ASP A 212 -15.29 12.02 -23.27
C ASP A 212 -13.83 12.24 -23.68
N PRO A 213 -13.55 12.32 -25.01
CA PRO A 213 -12.16 12.52 -25.44
C PRO A 213 -11.60 13.91 -25.15
N VAL A 214 -12.47 14.93 -25.11
CA VAL A 214 -12.09 16.30 -24.76
C VAL A 214 -11.60 16.36 -23.31
N TYR A 215 -12.28 15.63 -22.42
CA TYR A 215 -11.91 15.55 -21.02
C TYR A 215 -10.52 14.94 -20.83
N MET A 216 -10.30 13.75 -21.39
CA MET A 216 -9.00 13.10 -21.22
C MET A 216 -7.87 13.89 -21.86
N GLN A 217 -8.12 14.49 -23.04
CA GLN A 217 -7.13 15.33 -23.71
C GLN A 217 -6.73 16.55 -22.88
N TYR A 218 -7.70 17.20 -22.24
CA TYR A 218 -7.39 18.33 -21.36
C TYR A 218 -6.53 17.90 -20.15
N VAL A 219 -6.86 16.75 -19.57
CA VAL A 219 -6.13 16.19 -18.41
C VAL A 219 -4.67 15.88 -18.78
N GLU A 220 -4.47 15.31 -19.96
CA GLU A 220 -3.14 15.04 -20.52
C GLU A 220 -2.35 16.32 -20.87
N ASP A 221 -3.04 17.31 -21.43
CA ASP A 221 -2.45 18.62 -21.74
C ASP A 221 -1.99 19.36 -20.49
N GLN A 222 -2.75 19.29 -19.39
CA GLN A 222 -2.35 19.93 -18.11
C GLN A 222 -0.95 19.49 -17.68
N ALA A 223 -0.71 18.17 -17.78
CA ALA A 223 0.55 17.57 -17.33
C ALA A 223 1.68 17.98 -18.27
N ARG A 224 1.39 17.90 -19.56
CA ARG A 224 2.33 18.32 -20.60
C ARG A 224 2.69 19.80 -20.46
N ASN A 225 1.69 20.65 -20.21
CA ASN A 225 1.92 22.10 -20.05
C ASN A 225 2.77 22.43 -18.82
N ALA A 226 2.74 21.56 -17.81
CA ALA A 226 3.60 21.69 -16.62
C ALA A 226 5.03 21.14 -16.78
N GLY A 227 5.40 20.68 -17.97
CA GLY A 227 6.74 20.20 -18.26
C GLY A 227 6.90 18.68 -18.29
N VAL A 228 5.82 17.92 -18.11
CA VAL A 228 5.93 16.46 -18.11
C VAL A 228 6.06 15.97 -19.55
N VAL A 229 7.21 15.36 -19.89
CA VAL A 229 7.54 14.86 -21.23
C VAL A 229 7.66 13.33 -21.36
N ILE A 230 7.70 12.65 -20.22
CA ILE A 230 7.72 11.18 -20.18
C ILE A 230 6.40 10.59 -20.70
N PRO A 231 6.41 9.29 -21.05
CA PRO A 231 5.19 8.69 -21.61
C PRO A 231 4.02 8.62 -20.64
N LEU A 232 2.82 8.86 -21.17
CA LEU A 232 1.59 8.76 -20.41
C LEU A 232 0.98 7.36 -20.53
N ILE A 233 0.60 6.81 -19.39
CA ILE A 233 0.02 5.47 -19.30
C ILE A 233 -1.30 5.59 -18.54
N ASN A 234 -2.32 4.83 -18.95
CA ASN A 234 -3.61 4.84 -18.24
C ASN A 234 -3.82 3.52 -17.51
N ASN A 235 -4.90 3.47 -16.73
CA ASN A 235 -5.23 2.28 -15.96
C ASN A 235 -6.73 2.00 -15.98
N ASP A 236 -7.20 1.62 -17.17
CA ASP A 236 -8.57 1.11 -17.36
C ASP A 236 -8.92 0.07 -16.27
N ALA A 237 -10.04 0.26 -15.59
CA ALA A 237 -10.43 -0.62 -14.46
C ALA A 237 -10.57 -2.09 -14.87
N SER A 238 -11.01 -2.29 -16.10
CA SER A 238 -11.01 -3.58 -16.78
C SER A 238 -10.42 -3.40 -18.18
N ALA A 239 -10.09 -4.50 -18.84
CA ALA A 239 -9.54 -4.47 -20.20
C ALA A 239 -10.60 -4.09 -21.24
N SER A 240 -10.95 -2.81 -21.30
CA SER A 240 -12.00 -2.29 -22.19
C SER A 240 -11.51 -1.44 -23.37
N GLY A 241 -10.20 -1.19 -23.47
CA GLY A 241 -9.63 -0.40 -24.56
C GLY A 241 -9.75 1.12 -24.50
N ASN A 242 -10.21 1.66 -23.37
CA ASN A 242 -10.45 3.12 -23.28
C ASN A 242 -9.14 3.87 -23.39
N ASN A 243 -9.15 4.93 -24.19
CA ASN A 243 -7.98 5.79 -24.37
C ASN A 243 -6.73 5.12 -24.94
N ALA A 244 -6.88 3.96 -25.58
CA ALA A 244 -5.74 3.25 -26.17
C ALA A 244 -5.18 4.05 -27.36
N PRO A 245 -3.88 3.89 -27.67
CA PRO A 245 -3.36 4.39 -28.95
C PRO A 245 -4.25 3.98 -30.12
N GLY A 246 -4.57 4.94 -30.97
CA GLY A 246 -5.47 4.72 -32.11
C GLY A 246 -6.87 5.27 -31.90
N THR A 247 -7.30 5.46 -30.65
CA THR A 247 -8.63 6.03 -30.37
C THR A 247 -8.74 7.55 -30.64
N GLY A 248 -7.65 8.20 -31.04
CA GLY A 248 -7.68 9.60 -31.48
C GLY A 248 -7.43 10.58 -30.35
N LYS A 249 -8.34 11.53 -30.18
CA LYS A 249 -8.19 12.55 -29.16
C LYS A 249 -8.35 11.93 -27.76
N GLY A 250 -7.43 12.27 -26.87
CA GLY A 250 -7.43 11.76 -25.49
C GLY A 250 -6.75 10.41 -25.30
N ALA A 251 -6.06 9.93 -26.34
CA ALA A 251 -5.33 8.68 -26.25
C ALA A 251 -4.03 8.88 -25.46
N VAL A 252 -3.73 7.91 -24.61
CA VAL A 252 -2.46 7.88 -23.89
C VAL A 252 -1.38 7.26 -24.77
N ASP A 253 -0.15 7.28 -24.31
CA ASP A 253 0.96 6.67 -25.06
C ASP A 253 0.97 5.15 -24.93
N ILE A 254 0.79 4.63 -23.71
CA ILE A 254 0.78 3.20 -23.47
C ILE A 254 -0.52 2.79 -22.79
N TYR A 255 -1.17 1.74 -23.31
CA TYR A 255 -2.45 1.28 -22.75
C TYR A 255 -2.21 0.34 -21.55
N GLY A 256 -2.78 0.69 -20.41
CA GLY A 256 -2.73 -0.17 -19.23
C GLY A 256 -4.13 -0.44 -18.72
N HIS A 257 -4.32 -1.59 -18.10
CA HIS A 257 -5.58 -1.85 -17.40
C HIS A 257 -5.25 -2.50 -16.07
N ASP A 258 -6.29 -2.68 -15.24
CA ASP A 258 -6.14 -3.22 -13.89
C ASP A 258 -6.80 -4.60 -13.78
N SER A 259 -6.48 -5.30 -12.71
CA SER A 259 -7.01 -6.65 -12.47
C SER A 259 -6.94 -7.10 -11.00
N TYR A 260 -8.10 -7.42 -10.43
CA TYR A 260 -8.20 -8.02 -9.10
C TYR A 260 -8.95 -9.36 -9.23
N PRO A 261 -8.33 -10.33 -9.91
CA PRO A 261 -9.06 -11.52 -10.37
C PRO A 261 -9.62 -12.39 -9.22
N LEU A 262 -8.90 -12.49 -8.10
CA LEU A 262 -9.32 -13.31 -6.95
C LEU A 262 -10.33 -12.63 -6.02
N GLY A 263 -10.57 -11.34 -6.20
CA GLY A 263 -11.60 -10.64 -5.44
C GLY A 263 -11.18 -10.33 -4.01
N PHE A 264 -12.17 -10.06 -3.17
CA PHE A 264 -11.95 -9.44 -1.87
C PHE A 264 -12.64 -10.18 -0.72
N ASP A 265 -12.93 -11.48 -0.91
CA ASP A 265 -13.64 -12.27 0.08
C ASP A 265 -12.64 -12.85 1.08
N CYS A 266 -12.13 -11.96 1.94
CA CYS A 266 -11.07 -12.27 2.90
C CYS A 266 -11.53 -13.25 4.00
N ALA A 267 -12.84 -13.31 4.26
CA ALA A 267 -13.42 -14.28 5.22
C ALA A 267 -13.24 -15.74 4.81
N ASN A 268 -13.12 -16.02 3.50
CA ASN A 268 -12.87 -17.38 2.97
C ASN A 268 -11.52 -17.43 2.23
N PRO A 269 -10.41 -17.37 2.99
CA PRO A 269 -9.09 -17.21 2.37
C PRO A 269 -8.56 -18.39 1.54
N THR A 270 -9.11 -19.60 1.73
CA THR A 270 -8.70 -20.79 0.98
C THR A 270 -9.53 -21.05 -0.28
N VAL A 271 -10.62 -20.31 -0.44
CA VAL A 271 -11.55 -20.49 -1.56
C VAL A 271 -11.08 -19.69 -2.79
N TRP A 272 -10.79 -20.43 -3.86
CA TRP A 272 -10.41 -19.87 -5.16
C TRP A 272 -11.53 -20.19 -6.14
N PRO A 273 -12.47 -19.24 -6.35
CA PRO A 273 -13.68 -19.55 -7.13
C PRO A 273 -13.43 -19.92 -8.58
N SER A 274 -14.31 -20.73 -9.15
CA SER A 274 -14.18 -21.27 -10.50
C SER A 274 -14.13 -20.16 -11.57
N GLY A 275 -13.23 -20.31 -12.53
CA GLY A 275 -13.02 -19.32 -13.61
C GLY A 275 -12.54 -17.92 -13.21
N ASP A 276 -12.01 -17.74 -12.00
CA ASP A 276 -11.43 -16.44 -11.62
C ASP A 276 -10.01 -16.23 -12.17
N LEU A 277 -9.33 -17.28 -12.61
CA LEU A 277 -8.00 -17.10 -13.21
C LEU A 277 -8.15 -16.62 -14.65
N PRO A 278 -7.61 -15.42 -14.95
CA PRO A 278 -7.76 -14.89 -16.32
C PRO A 278 -7.02 -15.75 -17.34
N THR A 279 -7.62 -15.88 -18.52
CA THR A 279 -7.01 -16.61 -19.62
C THR A 279 -7.00 -15.85 -20.95
N ASN A 280 -7.68 -14.69 -21.03
CA ASN A 280 -7.86 -13.99 -22.31
C ASN A 280 -7.13 -12.65 -22.39
N PHE A 281 -6.20 -12.37 -21.47
CA PHE A 281 -5.57 -11.04 -21.39
C PHE A 281 -4.68 -10.73 -22.59
N ARG A 282 -3.98 -11.71 -23.13
CA ARG A 282 -3.17 -11.45 -24.32
C ARG A 282 -4.08 -11.20 -25.53
N THR A 283 -5.13 -12.00 -25.66
CA THR A 283 -6.11 -11.88 -26.74
C THR A 283 -6.72 -10.46 -26.75
N LEU A 284 -7.18 -10.00 -25.59
CA LEU A 284 -7.73 -8.65 -25.46
C LEU A 284 -6.68 -7.58 -25.72
N HIS A 285 -5.43 -7.83 -25.29
CA HIS A 285 -4.34 -6.91 -25.55
C HIS A 285 -4.05 -6.71 -27.05
N LEU A 286 -4.01 -7.80 -27.81
CA LEU A 286 -3.78 -7.72 -29.26
C LEU A 286 -4.93 -7.01 -30.00
N GLU A 287 -6.15 -7.13 -29.49
CA GLU A 287 -7.30 -6.40 -30.04
C GLU A 287 -7.31 -4.90 -29.70
N GLN A 288 -6.88 -4.53 -28.51
CA GLN A 288 -7.08 -3.17 -27.98
C GLN A 288 -5.86 -2.24 -28.11
N SER A 289 -4.65 -2.78 -27.98
CA SER A 289 -3.42 -1.98 -28.08
C SER A 289 -2.21 -2.84 -28.44
N PRO A 290 -2.19 -3.38 -29.67
CA PRO A 290 -1.11 -4.29 -30.10
C PRO A 290 0.28 -3.62 -30.26
N THR A 291 0.32 -2.30 -30.46
CA THR A 291 1.58 -1.60 -30.68
C THR A 291 2.36 -1.26 -29.41
N THR A 292 1.75 -1.45 -28.23
CA THR A 292 2.37 -1.05 -26.96
C THR A 292 2.62 -2.26 -26.04
N PRO A 293 3.58 -2.14 -25.12
CA PRO A 293 3.88 -3.32 -24.30
C PRO A 293 2.69 -3.66 -23.40
N TYR A 294 2.51 -4.94 -23.11
CA TYR A 294 1.36 -5.36 -22.33
C TYR A 294 1.61 -4.95 -20.88
N ALA A 295 0.65 -4.24 -20.29
CA ALA A 295 0.84 -3.56 -19.02
C ALA A 295 -0.37 -3.73 -18.13
N ILE A 296 -0.18 -4.22 -16.91
CA ILE A 296 -1.20 -4.18 -15.88
C ILE A 296 -0.72 -3.19 -14.80
N VAL A 297 -1.40 -2.06 -14.73
CA VAL A 297 -0.99 -0.95 -13.89
C VAL A 297 -1.39 -1.15 -12.42
N GLN A 298 -2.50 -1.83 -12.16
CA GLN A 298 -2.82 -2.29 -10.80
C GLN A 298 -3.20 -3.75 -10.86
N PHE A 299 -2.24 -4.64 -10.56
CA PHE A 299 -2.56 -6.06 -10.40
C PHE A 299 -2.67 -6.36 -8.91
N GLN A 300 -3.64 -7.19 -8.56
CA GLN A 300 -3.95 -7.51 -7.16
C GLN A 300 -2.74 -7.95 -6.36
N GLY A 301 -2.40 -7.17 -5.32
CA GLY A 301 -1.37 -7.50 -4.36
C GLY A 301 -1.89 -7.71 -2.95
N GLY A 302 -3.22 -7.68 -2.80
CA GLY A 302 -3.87 -7.78 -1.50
C GLY A 302 -5.34 -7.41 -1.63
N SER A 303 -5.93 -6.99 -0.51
CA SER A 303 -7.33 -6.61 -0.47
C SER A 303 -7.59 -5.51 0.55
N TYR A 304 -8.62 -4.72 0.28
CA TYR A 304 -9.19 -3.80 1.26
C TYR A 304 -9.97 -4.60 2.33
N ASP A 305 -10.21 -3.98 3.47
CA ASP A 305 -11.06 -4.56 4.52
C ASP A 305 -11.90 -3.46 5.13
N PRO A 306 -13.23 -3.63 5.12
CA PRO A 306 -14.09 -2.58 5.64
C PRO A 306 -14.27 -2.66 7.16
N TRP A 307 -14.84 -1.61 7.73
CA TRP A 307 -15.32 -1.63 9.12
C TRP A 307 -16.16 -2.88 9.31
N GLY A 308 -15.93 -3.59 10.41
CA GLY A 308 -16.60 -4.85 10.69
C GLY A 308 -16.13 -6.07 9.93
N GLY A 309 -15.07 -5.94 9.13
CA GLY A 309 -14.60 -7.05 8.31
C GLY A 309 -13.79 -8.08 9.09
N PRO A 310 -13.30 -9.11 8.38
CA PRO A 310 -12.52 -10.21 9.00
C PRO A 310 -11.09 -9.84 9.45
N GLY A 311 -10.53 -8.74 8.94
CA GLY A 311 -9.21 -8.25 9.35
C GLY A 311 -8.19 -8.52 8.26
N PHE A 312 -7.14 -7.71 8.26
CA PHE A 312 -6.12 -7.79 7.21
C PHE A 312 -5.24 -9.02 7.26
N ALA A 313 -5.16 -9.67 8.42
CA ALA A 313 -4.50 -10.96 8.52
C ALA A 313 -5.16 -11.98 7.59
N ALA A 314 -6.50 -11.95 7.55
CA ALA A 314 -7.29 -12.80 6.65
C ALA A 314 -7.03 -12.49 5.15
N CYS A 315 -6.92 -11.21 4.82
CA CYS A 315 -6.53 -10.81 3.46
C CYS A 315 -5.13 -11.29 3.05
N SER A 316 -4.18 -11.30 3.99
CA SER A 316 -2.83 -11.81 3.70
C SER A 316 -2.86 -13.31 3.36
N GLU A 317 -3.78 -14.03 4.01
CA GLU A 317 -4.00 -15.46 3.75
C GLU A 317 -4.64 -15.73 2.39
N LEU A 318 -5.56 -14.87 1.96
CA LEU A 318 -6.18 -14.99 0.64
C LEU A 318 -5.14 -14.73 -0.46
N LEU A 319 -4.46 -13.59 -0.38
CA LEU A 319 -3.43 -13.21 -1.34
C LEU A 319 -2.04 -13.58 -0.82
N ASN A 320 -1.82 -14.89 -0.62
CA ASN A 320 -0.60 -15.42 -0.03
C ASN A 320 0.39 -15.86 -1.11
N ASN A 321 1.47 -16.54 -0.70
CA ASN A 321 2.46 -17.08 -1.65
C ASN A 321 1.90 -17.98 -2.75
N GLU A 322 0.86 -18.75 -2.44
CA GLU A 322 0.21 -19.64 -3.42
C GLU A 322 -0.54 -18.84 -4.47
N PHE A 323 -1.28 -17.83 -4.01
CA PHE A 323 -1.89 -16.87 -4.92
C PHE A 323 -0.85 -16.23 -5.85
N GLU A 324 0.27 -15.77 -5.31
CA GLU A 324 1.30 -15.11 -6.12
C GLU A 324 1.91 -16.04 -7.16
N ARG A 325 2.39 -17.20 -6.74
CA ARG A 325 3.04 -18.09 -7.68
C ARG A 325 2.12 -18.55 -8.82
N VAL A 326 0.83 -18.73 -8.54
CA VAL A 326 -0.11 -19.16 -9.59
C VAL A 326 -0.53 -17.94 -10.42
N PHE A 327 -1.00 -16.88 -9.75
CA PHE A 327 -1.55 -15.73 -10.49
C PHE A 327 -0.50 -14.87 -11.17
N TYR A 328 0.68 -14.70 -10.56
CA TYR A 328 1.68 -13.80 -11.14
C TYR A 328 2.41 -14.47 -12.30
N LYS A 329 2.68 -15.77 -12.20
CA LYS A 329 3.25 -16.50 -13.32
C LYS A 329 2.29 -16.60 -14.48
N ASN A 330 1.00 -16.64 -14.17
CA ASN A 330 -0.04 -16.57 -15.18
C ASN A 330 0.04 -15.26 -15.97
N ASP A 331 0.26 -14.13 -15.28
CA ASP A 331 0.56 -12.85 -15.95
C ASP A 331 1.82 -12.91 -16.83
N PHE A 332 2.84 -13.62 -16.37
CA PHE A 332 4.03 -13.88 -17.19
C PHE A 332 3.73 -14.70 -18.47
N SER A 333 2.72 -15.57 -18.42
CA SER A 333 2.28 -16.31 -19.63
C SER A 333 1.65 -15.45 -20.74
N PHE A 334 1.23 -14.22 -20.41
CA PHE A 334 0.79 -13.24 -21.40
C PHE A 334 1.91 -12.30 -21.86
N GLN A 335 3.15 -12.53 -21.42
CA GLN A 335 4.27 -11.62 -21.68
C GLN A 335 4.06 -10.17 -21.20
N ILE A 336 3.53 -10.05 -19.99
CA ILE A 336 3.45 -8.76 -19.33
C ILE A 336 4.85 -8.13 -19.24
N ALA A 337 4.92 -6.86 -19.60
CA ALA A 337 6.18 -6.12 -19.60
C ALA A 337 6.19 -4.97 -18.58
N ILE A 338 5.01 -4.51 -18.16
CA ILE A 338 4.89 -3.53 -17.08
C ILE A 338 3.86 -4.11 -16.13
N MET A 339 4.30 -4.49 -14.94
CA MET A 339 3.46 -5.10 -13.92
C MET A 339 3.63 -4.35 -12.61
N ASN A 340 2.54 -3.79 -12.10
CA ASN A 340 2.57 -3.08 -10.84
C ASN A 340 1.58 -3.72 -9.88
N LEU A 341 2.07 -4.10 -8.70
CA LEU A 341 1.28 -4.71 -7.66
C LEU A 341 0.71 -3.67 -6.71
N TYR A 342 -0.62 -3.65 -6.61
CA TYR A 342 -1.36 -2.77 -5.72
C TYR A 342 -1.81 -3.61 -4.51
N MET A 343 -1.32 -3.42 -3.28
CA MET A 343 -0.18 -2.61 -2.86
C MET A 343 1.01 -3.55 -2.63
N ILE A 344 2.21 -2.99 -2.61
CA ILE A 344 3.40 -3.70 -2.10
C ILE A 344 3.55 -3.39 -0.61
N PHE A 345 3.20 -2.16 -0.24
CA PHE A 345 3.15 -1.70 1.14
C PHE A 345 1.98 -0.75 1.22
N GLY A 346 1.06 -0.98 2.15
CA GLY A 346 -0.14 -0.18 2.27
C GLY A 346 -0.02 0.95 3.27
N GLY A 347 0.44 0.63 4.46
CA GLY A 347 0.65 1.65 5.48
C GLY A 347 -0.62 1.93 6.24
N THR A 348 -0.84 3.21 6.55
CA THR A 348 -1.87 3.62 7.51
C THR A 348 -2.73 4.80 7.04
N ASN A 349 -4.04 4.74 7.29
CA ASN A 349 -4.96 5.86 7.03
C ASN A 349 -5.03 6.74 8.26
N TRP A 350 -3.89 7.38 8.58
CA TRP A 350 -3.77 8.25 9.74
C TRP A 350 -4.53 9.55 9.48
N GLY A 351 -4.87 10.26 10.55
CA GLY A 351 -5.47 11.57 10.43
C GLY A 351 -6.63 11.70 9.46
N ASN A 352 -7.53 10.72 9.47
CA ASN A 352 -8.81 10.75 8.72
C ASN A 352 -8.66 10.80 7.19
N LEU A 353 -7.51 10.44 6.64
CA LEU A 353 -7.33 10.50 5.19
C LEU A 353 -8.07 9.39 4.45
N GLY A 354 -8.55 8.38 5.17
CA GLY A 354 -9.22 7.25 4.54
C GLY A 354 -10.66 7.52 4.17
N TYR A 355 -11.17 6.74 3.22
CA TYR A 355 -12.59 6.76 2.81
C TYR A 355 -13.46 6.15 3.91
N PRO A 356 -14.79 6.42 3.87
CA PRO A 356 -15.64 6.01 5.00
C PRO A 356 -15.74 4.50 5.25
N ASN A 357 -15.61 3.70 4.19
CA ASN A 357 -15.78 2.24 4.30
C ASN A 357 -14.61 1.54 4.94
N GLY A 358 -13.45 2.20 5.00
CA GLY A 358 -12.26 1.64 5.61
C GLY A 358 -11.95 2.24 6.98
N TYR A 359 -11.09 1.54 7.68
CA TYR A 359 -10.72 1.92 9.03
C TYR A 359 -9.25 2.41 9.02
N THR A 360 -8.60 2.51 10.18
CA THR A 360 -7.28 3.15 10.25
C THR A 360 -6.21 2.38 9.50
N SER A 361 -6.20 1.06 9.65
CA SER A 361 -5.17 0.24 9.01
C SER A 361 -5.41 0.24 7.50
N TYR A 362 -4.33 0.36 6.72
CA TYR A 362 -4.32 0.02 5.30
C TYR A 362 -3.25 -1.03 5.00
N ASP A 363 -3.09 -1.99 5.91
CA ASP A 363 -2.11 -3.07 5.75
C ASP A 363 -2.30 -3.77 4.40
N TYR A 364 -3.55 -3.96 4.01
CA TYR A 364 -3.91 -4.50 2.68
C TYR A 364 -3.54 -5.98 2.45
N GLY A 365 -3.02 -6.66 3.47
CA GLY A 365 -2.39 -7.98 3.34
C GLY A 365 -1.25 -8.04 2.34
N SER A 366 -0.51 -6.96 2.19
CA SER A 366 0.52 -6.86 1.17
C SER A 366 1.83 -7.52 1.60
N ALA A 367 2.75 -7.66 0.65
CA ALA A 367 4.05 -8.32 0.90
C ALA A 367 4.88 -7.67 2.00
N VAL A 368 4.83 -6.34 2.10
CA VAL A 368 5.44 -5.60 3.19
C VAL A 368 4.29 -5.14 4.09
N THR A 369 4.36 -5.48 5.37
CA THR A 369 3.23 -5.24 6.28
C THR A 369 3.14 -3.79 6.68
N GLU A 370 2.03 -3.43 7.31
CA GLU A 370 1.81 -2.07 7.80
C GLU A 370 2.91 -1.59 8.75
N SER A 371 3.45 -2.52 9.54
CA SER A 371 4.58 -2.22 10.44
C SER A 371 5.97 -2.41 9.77
N ARG A 372 5.98 -2.45 8.43
CA ARG A 372 7.17 -2.51 7.58
C ARG A 372 7.96 -3.83 7.61
N ASN A 373 7.44 -4.86 8.28
CA ASN A 373 8.16 -6.13 8.33
C ASN A 373 7.92 -6.97 7.07
N ILE A 374 8.88 -7.83 6.77
CA ILE A 374 8.84 -8.69 5.59
C ILE A 374 8.88 -10.16 6.03
N THR A 375 8.09 -10.51 7.05
CA THR A 375 8.02 -11.90 7.52
C THR A 375 7.10 -12.78 6.68
N ARG A 376 6.14 -12.18 5.99
CA ARG A 376 5.13 -12.99 5.28
C ARG A 376 5.80 -13.72 4.15
N GLU A 377 5.42 -15.00 3.99
CA GLU A 377 6.03 -15.88 3.00
C GLU A 377 5.83 -15.37 1.58
N LYS A 378 4.72 -14.65 1.36
CA LYS A 378 4.46 -14.00 0.09
C LYS A 378 5.57 -13.03 -0.35
N TYR A 379 6.26 -12.40 0.61
CA TYR A 379 7.43 -11.56 0.27
C TYR A 379 8.53 -12.41 -0.37
N SER A 380 8.94 -13.47 0.32
CA SER A 380 10.05 -14.32 -0.14
C SER A 380 9.75 -15.01 -1.47
N GLU A 381 8.51 -15.46 -1.65
CA GLU A 381 8.05 -16.04 -2.93
C GLU A 381 8.05 -15.03 -4.09
N LEU A 382 7.62 -13.80 -3.81
CA LEU A 382 7.64 -12.73 -4.79
C LEU A 382 9.07 -12.37 -5.21
N LYS A 383 9.98 -12.39 -4.24
CA LYS A 383 11.43 -12.24 -4.48
C LYS A 383 12.02 -13.24 -5.48
N LEU A 384 11.52 -14.48 -5.47
CA LEU A 384 11.99 -15.48 -6.43
C LEU A 384 11.63 -15.07 -7.85
N LEU A 385 10.37 -14.72 -8.07
CA LEU A 385 9.90 -14.27 -9.37
C LEU A 385 10.52 -12.94 -9.82
N GLY A 386 10.67 -11.98 -8.90
CA GLY A 386 11.27 -10.69 -9.24
C GLY A 386 12.72 -10.81 -9.72
N ASN A 387 13.47 -11.68 -9.04
CA ASN A 387 14.85 -11.96 -9.44
C ASN A 387 14.97 -12.77 -10.73
N PHE A 388 14.06 -13.71 -10.96
CA PHE A 388 13.99 -14.41 -12.24
C PHE A 388 13.83 -13.42 -13.40
N ALA A 389 12.85 -12.51 -13.28
CA ALA A 389 12.60 -11.48 -14.31
C ALA A 389 13.77 -10.54 -14.55
N LYS A 390 14.52 -10.24 -13.48
CA LYS A 390 15.62 -9.28 -13.55
C LYS A 390 16.82 -9.76 -14.40
N VAL A 391 16.98 -11.08 -14.56
CA VAL A 391 18.14 -11.63 -15.26
C VAL A 391 17.78 -12.36 -16.57
N SER A 392 16.54 -12.22 -17.05
CA SER A 392 16.03 -13.04 -18.16
C SER A 392 15.52 -12.18 -19.35
N PRO A 393 16.45 -11.55 -20.12
CA PRO A 393 16.05 -10.74 -21.28
C PRO A 393 15.31 -11.48 -22.41
N GLY A 394 15.54 -12.79 -22.56
CA GLY A 394 14.82 -13.59 -23.55
C GLY A 394 13.31 -13.67 -23.33
N TYR A 395 12.88 -13.49 -22.07
CA TYR A 395 11.45 -13.41 -21.75
C TYR A 395 10.72 -12.33 -22.57
N LEU A 396 11.35 -11.19 -22.82
CA LEU A 396 10.71 -10.07 -23.52
C LEU A 396 10.79 -10.16 -25.05
N THR A 397 11.67 -11.02 -25.58
CA THR A 397 11.81 -11.17 -27.05
C THR A 397 11.14 -12.44 -27.59
N ALA A 398 10.63 -13.31 -26.71
CA ALA A 398 9.91 -14.51 -27.12
C ALA A 398 8.56 -14.18 -27.72
N SER A 399 7.91 -15.21 -28.25
CA SER A 399 6.67 -15.08 -29.00
C SER A 399 5.60 -15.93 -28.29
N PRO A 400 4.67 -15.30 -27.55
CA PRO A 400 3.75 -16.10 -26.74
C PRO A 400 2.71 -16.84 -27.56
N GLY A 401 2.43 -18.08 -27.21
CA GLY A 401 1.36 -18.85 -27.84
C GLY A 401 0.16 -18.96 -26.91
N ASN A 402 -0.88 -19.61 -27.41
CA ASN A 402 -2.07 -19.90 -26.61
C ASN A 402 -1.75 -21.00 -25.61
N LEU A 403 -2.43 -20.99 -24.47
CA LEU A 403 -2.35 -22.11 -23.52
C LEU A 403 -2.83 -23.42 -24.17
N THR A 404 -2.31 -24.56 -23.70
CA THR A 404 -2.65 -25.88 -24.25
C THR A 404 -2.74 -26.93 -23.16
N THR A 405 -3.71 -27.84 -23.27
CA THR A 405 -3.80 -29.01 -22.40
C THR A 405 -3.17 -30.27 -23.02
N SER A 406 -2.51 -30.13 -24.18
CA SER A 406 -1.74 -31.23 -24.79
C SER A 406 -0.60 -30.71 -25.65
N GLY A 407 0.32 -31.58 -26.00
CA GLY A 407 1.46 -31.20 -26.85
C GLY A 407 2.76 -30.87 -26.13
N TYR A 408 2.68 -30.24 -24.96
CA TYR A 408 3.87 -30.00 -24.14
C TYR A 408 3.96 -30.99 -22.96
N ALA A 409 2.89 -31.10 -22.17
CA ALA A 409 2.83 -32.09 -21.09
C ALA A 409 1.88 -33.21 -21.46
N ASP A 410 2.12 -34.40 -20.89
CA ASP A 410 1.37 -35.63 -21.23
C ASP A 410 0.10 -35.91 -20.39
N THR A 411 -0.45 -34.88 -19.75
CA THR A 411 -1.75 -35.00 -19.05
C THR A 411 -2.58 -33.74 -19.31
N THR A 412 -3.89 -33.94 -19.52
CA THR A 412 -4.83 -32.83 -19.67
C THR A 412 -5.13 -32.16 -18.33
N ASP A 413 -4.76 -32.79 -17.21
CA ASP A 413 -4.81 -32.13 -15.89
C ASP A 413 -3.84 -30.93 -15.77
N LEU A 414 -2.83 -30.85 -16.64
CA LEU A 414 -1.96 -29.66 -16.70
C LEU A 414 -2.19 -28.80 -17.93
N THR A 415 -1.93 -27.51 -17.76
CA THR A 415 -2.00 -26.50 -18.81
C THR A 415 -0.61 -25.93 -18.97
N VAL A 416 -0.14 -25.81 -20.21
CA VAL A 416 1.13 -25.19 -20.51
C VAL A 416 0.94 -24.06 -21.49
N THR A 417 1.44 -22.87 -21.13
CA THR A 417 1.48 -21.74 -22.05
C THR A 417 2.94 -21.51 -22.44
N PRO A 418 3.27 -21.66 -23.74
CA PRO A 418 4.62 -21.43 -24.23
C PRO A 418 4.90 -19.98 -24.58
N LEU A 419 6.13 -19.54 -24.35
CA LEU A 419 6.67 -18.31 -24.94
C LEU A 419 7.88 -18.76 -25.71
N LEU A 420 7.81 -18.74 -27.04
CA LEU A 420 8.80 -19.41 -27.88
C LEU A 420 9.78 -18.41 -28.46
N GLY A 421 11.08 -18.71 -28.37
CA GLY A 421 12.11 -17.88 -29.00
C GLY A 421 12.87 -18.68 -30.03
N ASN A 422 13.46 -17.98 -31.00
CA ASN A 422 14.29 -18.62 -32.04
C ASN A 422 15.62 -19.01 -31.38
N SER A 423 16.51 -18.05 -31.14
CA SER A 423 17.77 -18.31 -30.44
C SER A 423 17.82 -17.81 -28.98
N THR A 424 16.88 -16.91 -28.61
CA THR A 424 16.93 -16.20 -27.32
C THR A 424 16.35 -17.00 -26.12
N GLY A 425 15.87 -18.21 -26.36
CA GLY A 425 15.36 -19.08 -25.30
C GLY A 425 13.86 -19.12 -25.30
N SER A 426 13.31 -20.18 -24.72
CA SER A 426 11.86 -20.31 -24.57
C SER A 426 11.44 -20.57 -23.12
N PHE A 427 10.19 -20.27 -22.82
CA PHE A 427 9.66 -20.35 -21.46
C PHE A 427 8.33 -21.08 -21.51
N PHE A 428 8.07 -21.90 -20.49
CA PHE A 428 6.88 -22.75 -20.46
C PHE A 428 6.27 -22.66 -19.08
N VAL A 429 5.12 -22.00 -19.01
CA VAL A 429 4.44 -21.76 -17.77
C VAL A 429 3.42 -22.86 -17.54
N VAL A 430 3.63 -23.65 -16.48
CA VAL A 430 2.82 -24.83 -16.20
C VAL A 430 1.98 -24.60 -14.95
N ARG A 431 0.72 -25.01 -15.02
CA ARG A 431 -0.19 -24.96 -13.87
C ARG A 431 -1.20 -26.09 -14.04
N HIS A 432 -1.98 -26.34 -13.00
CA HIS A 432 -3.15 -27.23 -13.12
C HIS A 432 -4.19 -26.58 -14.03
N SER A 433 -4.85 -27.38 -14.85
CA SER A 433 -5.89 -26.89 -15.78
C SER A 433 -7.07 -26.32 -15.01
N ASP A 434 -7.46 -27.02 -13.95
CA ASP A 434 -8.32 -26.47 -12.92
C ASP A 434 -7.38 -25.75 -11.95
N TYR A 435 -7.34 -24.42 -12.07
CA TYR A 435 -6.34 -23.62 -11.37
C TYR A 435 -6.44 -23.72 -9.82
N SER A 436 -7.62 -24.07 -9.29
CA SER A 436 -7.80 -24.19 -7.84
C SER A 436 -7.39 -25.55 -7.26
N SER A 437 -7.03 -26.49 -8.13
CA SER A 437 -6.74 -27.87 -7.71
C SER A 437 -5.60 -27.95 -6.71
N GLU A 438 -5.80 -28.79 -5.71
CA GLU A 438 -4.80 -29.09 -4.67
C GLU A 438 -4.22 -30.51 -4.85
N GLU A 439 -4.52 -31.16 -5.98
CA GLU A 439 -4.01 -32.49 -6.29
C GLU A 439 -2.51 -32.43 -6.55
N SER A 440 -1.83 -33.53 -6.21
CA SER A 440 -0.47 -33.75 -6.63
C SER A 440 -0.52 -34.48 -7.97
N THR A 441 0.24 -33.98 -8.95
CA THR A 441 0.12 -34.44 -10.34
C THR A 441 1.50 -34.77 -10.89
N SER A 442 1.66 -35.99 -11.41
CA SER A 442 2.89 -36.40 -12.10
C SER A 442 2.81 -36.12 -13.59
N TYR A 443 3.94 -35.75 -14.19
CA TYR A 443 3.99 -35.42 -15.61
C TYR A 443 5.37 -35.50 -16.25
N LYS A 444 5.34 -35.61 -17.58
CA LYS A 444 6.52 -35.53 -18.42
C LYS A 444 6.30 -34.40 -19.42
N LEU A 445 7.39 -33.80 -19.86
CA LEU A 445 7.35 -32.72 -20.82
C LEU A 445 7.96 -33.19 -22.13
N ARG A 446 7.55 -32.55 -23.22
CA ARG A 446 8.16 -32.71 -24.54
C ARG A 446 8.40 -31.29 -24.99
N LEU A 447 9.65 -30.86 -24.99
CA LEU A 447 9.96 -29.47 -25.26
C LEU A 447 10.80 -29.35 -26.50
N PRO A 448 10.65 -28.21 -27.23
CA PRO A 448 11.54 -27.87 -28.32
C PRO A 448 12.77 -27.06 -27.87
N THR A 449 13.93 -27.45 -28.39
CA THR A 449 15.21 -26.81 -28.07
C THR A 449 16.02 -26.69 -29.35
N SER A 450 17.14 -25.98 -29.27
CA SER A 450 18.04 -25.83 -30.41
C SER A 450 18.76 -27.13 -30.79
N ALA A 451 18.86 -28.07 -29.85
CA ALA A 451 19.36 -29.42 -30.11
C ALA A 451 18.24 -30.44 -30.45
N GLY A 452 17.01 -29.96 -30.70
CA GLY A 452 15.87 -30.81 -31.01
C GLY A 452 14.84 -30.94 -29.90
N SER A 453 13.77 -31.66 -30.19
CA SER A 453 12.75 -31.95 -29.21
C SER A 453 13.30 -32.96 -28.25
N VAL A 454 12.95 -32.80 -26.98
CA VAL A 454 13.41 -33.70 -25.94
C VAL A 454 12.25 -34.09 -25.01
N THR A 455 12.22 -35.37 -24.62
CA THR A 455 11.26 -35.84 -23.65
C THR A 455 11.93 -35.80 -22.29
N ILE A 456 11.33 -35.07 -21.35
CA ILE A 456 11.92 -34.80 -20.02
C ILE A 456 11.03 -35.43 -18.94
N PRO A 457 11.60 -36.17 -17.97
CA PRO A 457 13.05 -36.43 -17.81
C PRO A 457 13.62 -37.51 -18.73
N GLN A 458 14.78 -37.25 -19.32
CA GLN A 458 15.50 -38.23 -20.14
C GLN A 458 16.05 -39.41 -19.32
N LEU A 459 16.60 -39.13 -18.15
CA LEU A 459 17.29 -40.13 -17.31
C LEU A 459 16.40 -40.96 -16.39
N GLY A 460 15.08 -40.77 -16.46
CA GLY A 460 14.15 -41.56 -15.64
C GLY A 460 13.44 -40.74 -14.59
N GLY A 461 12.28 -41.25 -14.17
CA GLY A 461 11.41 -40.59 -13.21
C GLY A 461 10.43 -39.67 -13.90
N THR A 462 9.69 -38.93 -13.09
CA THR A 462 8.70 -37.97 -13.59
C THR A 462 8.84 -36.64 -12.85
N LEU A 463 8.26 -35.60 -13.44
CA LEU A 463 8.17 -34.30 -12.79
C LEU A 463 6.91 -34.31 -11.94
N THR A 464 6.81 -33.39 -10.98
CA THR A 464 5.63 -33.28 -10.12
C THR A 464 5.18 -31.83 -9.94
N LEU A 465 3.87 -31.61 -9.98
CA LEU A 465 3.28 -30.31 -9.62
C LEU A 465 2.37 -30.52 -8.42
N ASN A 466 2.76 -30.00 -7.26
CA ASN A 466 2.00 -30.19 -6.01
C ASN A 466 1.00 -29.09 -5.76
N GLY A 467 -0.26 -29.37 -6.06
CA GLY A 467 -1.36 -28.46 -5.79
C GLY A 467 -1.23 -27.07 -6.38
N ARG A 468 -1.43 -26.06 -5.55
CA ARG A 468 -1.54 -24.68 -6.00
C ARG A 468 -0.17 -24.06 -6.23
N ASP A 469 0.48 -24.54 -7.29
CA ASP A 469 1.80 -24.11 -7.67
C ASP A 469 1.81 -23.92 -9.18
N SER A 470 2.82 -23.21 -9.65
CA SER A 470 3.03 -23.02 -11.07
C SER A 470 4.53 -22.87 -11.30
N LYS A 471 5.00 -23.35 -12.46
CA LYS A 471 6.42 -23.37 -12.78
C LYS A 471 6.66 -22.61 -14.07
N ILE A 472 7.81 -21.94 -14.17
CA ILE A 472 8.33 -21.47 -15.43
C ILE A 472 9.54 -22.34 -15.75
N HIS A 473 9.36 -23.36 -16.61
CA HIS A 473 10.47 -24.18 -17.12
C HIS A 473 11.06 -23.41 -18.28
N VAL A 474 12.37 -23.56 -18.47
CA VAL A 474 13.11 -22.82 -19.50
C VAL A 474 13.83 -23.75 -20.46
N THR A 475 13.91 -23.36 -21.72
CA THR A 475 14.82 -24.00 -22.69
C THR A 475 15.71 -22.95 -23.33
N ASP A 476 16.89 -23.39 -23.78
CA ASP A 476 17.95 -22.52 -24.31
C ASP A 476 18.16 -21.23 -23.52
N TYR A 477 18.33 -21.40 -22.23
CA TYR A 477 18.50 -20.27 -21.32
C TYR A 477 19.97 -19.85 -21.31
N ASN A 478 20.22 -18.63 -21.74
CA ASN A 478 21.58 -18.07 -21.84
C ASN A 478 22.11 -17.61 -20.46
N VAL A 479 23.12 -18.31 -19.95
CA VAL A 479 23.90 -17.88 -18.78
C VAL A 479 25.25 -17.33 -19.28
N SER A 480 25.25 -16.04 -19.63
CA SER A 480 26.39 -15.34 -20.24
C SER A 480 27.26 -16.16 -21.22
N GLY A 481 26.63 -16.70 -22.26
CA GLY A 481 27.31 -17.49 -23.30
C GLY A 481 27.26 -19.00 -23.11
N THR A 482 26.96 -19.46 -21.90
CA THR A 482 26.75 -20.89 -21.65
C THR A 482 25.25 -21.19 -21.81
N ASN A 483 24.93 -22.15 -22.65
CA ASN A 483 23.56 -22.45 -23.00
C ASN A 483 23.03 -23.56 -22.12
N ILE A 484 22.02 -23.25 -21.32
CA ILE A 484 21.28 -24.26 -20.57
C ILE A 484 20.22 -24.77 -21.54
N ILE A 485 20.40 -25.99 -22.05
CA ILE A 485 19.50 -26.55 -23.07
C ILE A 485 18.07 -26.58 -22.53
N TYR A 486 17.93 -27.09 -21.31
CA TYR A 486 16.67 -27.00 -20.58
C TYR A 486 16.91 -27.14 -19.07
N SER A 487 15.98 -26.61 -18.30
CA SER A 487 15.90 -26.86 -16.88
C SER A 487 14.44 -26.90 -16.45
N THR A 488 14.05 -27.96 -15.75
CA THR A 488 12.73 -28.05 -15.17
C THR A 488 12.63 -27.26 -13.87
N ALA A 489 13.72 -27.19 -13.11
CA ALA A 489 13.76 -26.38 -11.89
C ALA A 489 13.83 -24.92 -12.30
N GLU A 490 13.26 -24.06 -11.46
CA GLU A 490 13.13 -22.64 -11.78
C GLU A 490 14.41 -21.90 -11.48
N VAL A 491 14.69 -20.91 -12.30
CA VAL A 491 15.86 -20.06 -12.12
C VAL A 491 15.51 -18.97 -11.13
N PHE A 492 16.38 -18.79 -10.13
CA PHE A 492 16.28 -17.67 -9.19
C PHE A 492 17.13 -16.52 -9.74
N THR A 493 18.40 -16.81 -10.01
CA THR A 493 19.31 -15.82 -10.59
C THR A 493 20.51 -16.49 -11.22
N TRP A 494 21.31 -15.70 -11.93
CA TRP A 494 22.61 -16.15 -12.39
C TRP A 494 23.53 -14.96 -12.52
N LYS A 495 24.83 -15.21 -12.36
CA LYS A 495 25.85 -14.17 -12.56
C LYS A 495 27.12 -14.70 -13.19
N LYS A 496 27.81 -13.83 -13.90
CA LYS A 496 29.17 -14.05 -14.39
C LYS A 496 30.13 -13.23 -13.51
N PHE A 497 31.03 -13.93 -12.83
CA PHE A 497 32.10 -13.29 -12.05
C PHE A 497 33.43 -13.47 -12.73
N ALA A 498 34.42 -12.73 -12.26
CA ALA A 498 35.83 -12.87 -12.69
C ALA A 498 36.30 -14.33 -12.71
N ASP A 499 35.97 -15.08 -11.66
CA ASP A 499 36.43 -16.48 -11.48
C ASP A 499 35.41 -17.56 -11.92
N GLY A 500 34.49 -17.24 -12.83
CA GLY A 500 33.48 -18.20 -13.32
C GLY A 500 32.02 -17.73 -13.25
N LYS A 501 31.11 -18.62 -13.60
CA LYS A 501 29.68 -18.33 -13.69
C LYS A 501 28.90 -19.09 -12.63
N VAL A 502 27.85 -18.48 -12.10
CA VAL A 502 27.00 -19.12 -11.10
C VAL A 502 25.55 -19.00 -11.51
N LEU A 503 24.84 -20.13 -11.42
CA LEU A 503 23.42 -20.22 -11.66
C LEU A 503 22.79 -20.85 -10.43
N VAL A 504 21.62 -20.34 -10.02
CA VAL A 504 20.92 -20.83 -8.83
C VAL A 504 19.52 -21.35 -9.18
N LEU A 505 19.33 -22.66 -9.04
CA LEU A 505 18.07 -23.33 -9.36
C LEU A 505 17.33 -23.77 -8.10
N TYR A 506 16.00 -23.78 -8.14
CA TYR A 506 15.22 -24.33 -7.04
C TYR A 506 13.99 -25.12 -7.47
N GLY A 507 13.50 -25.90 -6.52
CA GLY A 507 12.30 -26.70 -6.68
C GLY A 507 11.64 -26.85 -5.33
N GLY A 508 10.38 -27.25 -5.33
CA GLY A 508 9.67 -27.58 -4.09
C GLY A 508 10.01 -28.98 -3.59
N ALA A 509 9.77 -29.19 -2.30
CA ALA A 509 10.00 -30.49 -1.65
C ALA A 509 9.27 -31.64 -2.35
N GLY A 510 9.93 -32.80 -2.42
CA GLY A 510 9.40 -33.99 -3.07
C GLY A 510 9.52 -34.05 -4.60
N GLU A 511 10.13 -33.04 -5.22
CA GLU A 511 10.15 -32.96 -6.69
C GLU A 511 11.44 -33.52 -7.22
N HIS A 512 11.34 -34.19 -8.36
CA HIS A 512 12.50 -34.56 -9.18
C HIS A 512 12.64 -33.54 -10.30
N HIS A 513 13.88 -33.16 -10.61
CA HIS A 513 14.16 -32.21 -11.67
C HIS A 513 15.31 -32.64 -12.55
N GLU A 514 15.46 -31.96 -13.68
CA GLU A 514 16.50 -32.31 -14.62
C GLU A 514 16.92 -31.10 -15.43
N LEU A 515 18.21 -31.09 -15.79
CA LEU A 515 18.73 -30.06 -16.65
C LEU A 515 19.76 -30.62 -17.62
N ALA A 516 19.99 -29.85 -18.67
CA ALA A 516 20.98 -30.18 -19.69
C ALA A 516 21.71 -28.91 -20.08
N ILE A 517 23.02 -29.03 -20.32
CA ILE A 517 23.89 -27.91 -20.64
C ILE A 517 24.67 -28.25 -21.90
N SER A 518 24.75 -27.30 -22.85
CA SER A 518 25.57 -27.44 -24.05
C SER A 518 27.03 -27.27 -23.67
N THR A 519 27.79 -28.36 -23.75
CA THR A 519 29.18 -28.40 -23.26
C THR A 519 29.89 -29.73 -23.57
N LYS A 520 31.22 -29.70 -23.55
CA LYS A 520 32.07 -30.92 -23.62
C LYS A 520 32.55 -31.41 -22.23
N SER A 521 32.52 -30.53 -21.22
CA SER A 521 32.94 -30.90 -19.86
C SER A 521 31.97 -31.85 -19.19
N ASN A 522 32.48 -32.61 -18.22
CA ASN A 522 31.65 -33.51 -17.42
C ASN A 522 31.11 -32.76 -16.19
N VAL A 523 30.25 -33.42 -15.44
CA VAL A 523 29.69 -32.89 -14.20
C VAL A 523 30.36 -33.55 -12.99
N THR A 524 30.68 -32.72 -11.99
CA THR A 524 31.17 -33.18 -10.69
C THR A 524 30.38 -32.47 -9.59
N VAL A 525 30.07 -33.20 -8.52
CA VAL A 525 29.42 -32.63 -7.35
C VAL A 525 30.53 -32.04 -6.50
N ILE A 526 30.52 -30.71 -6.31
CA ILE A 526 31.56 -30.00 -5.52
C ILE A 526 31.14 -29.61 -4.10
N GLU A 527 29.85 -29.71 -3.78
CA GLU A 527 29.38 -29.59 -2.39
C GLU A 527 28.14 -30.43 -2.27
N GLY A 528 27.99 -31.09 -1.12
CA GLY A 528 26.84 -31.94 -0.85
C GLY A 528 27.05 -33.36 -1.35
N SER A 529 26.09 -34.22 -0.99
CA SER A 529 26.16 -35.65 -1.29
C SER A 529 25.95 -35.94 -2.77
N GLU A 530 26.62 -36.98 -3.26
CA GLU A 530 26.47 -37.44 -4.65
C GLU A 530 25.18 -38.26 -4.84
N SER A 531 24.52 -38.61 -3.74
CA SER A 531 23.29 -39.41 -3.77
C SER A 531 22.10 -38.65 -4.36
N GLY A 532 21.26 -39.38 -5.10
CA GLY A 532 20.14 -38.80 -5.84
C GLY A 532 20.52 -37.88 -6.99
N ILE A 533 21.79 -37.91 -7.42
CA ILE A 533 22.27 -37.11 -8.56
C ILE A 533 22.79 -38.05 -9.65
N SER A 534 21.99 -38.21 -10.70
CA SER A 534 22.33 -39.02 -11.85
C SER A 534 22.74 -38.11 -13.00
N SER A 535 23.68 -38.57 -13.81
CA SER A 535 24.16 -37.85 -14.96
C SER A 535 24.41 -38.76 -16.16
N LYS A 536 24.52 -38.13 -17.32
CA LYS A 536 24.83 -38.77 -18.59
C LYS A 536 25.47 -37.70 -19.44
N GLN A 537 26.57 -38.04 -20.08
CA GLN A 537 27.24 -37.15 -21.01
C GLN A 537 27.03 -37.66 -22.43
N THR A 538 26.66 -36.77 -23.34
CA THR A 538 26.62 -37.05 -24.78
C THR A 538 27.81 -36.33 -25.42
N SER A 539 27.93 -36.43 -26.75
CA SER A 539 29.02 -35.78 -27.49
C SER A 539 29.01 -34.25 -27.38
N SER A 540 27.82 -33.63 -27.22
CA SER A 540 27.68 -32.17 -27.16
C SER A 540 26.95 -31.62 -25.92
N SER A 541 26.69 -32.47 -24.92
CA SER A 541 25.99 -32.02 -23.72
C SER A 541 26.20 -32.90 -22.51
N VAL A 542 25.74 -32.41 -21.38
CA VAL A 542 25.64 -33.19 -20.15
C VAL A 542 24.23 -33.04 -19.59
N VAL A 543 23.58 -34.16 -19.29
CA VAL A 543 22.28 -34.17 -18.66
C VAL A 543 22.52 -34.45 -17.18
N VAL A 544 21.76 -33.79 -16.30
CA VAL A 544 21.88 -33.98 -14.85
C VAL A 544 20.49 -34.03 -14.24
N GLY A 545 20.17 -35.12 -13.54
CA GLY A 545 18.92 -35.26 -12.80
C GLY A 545 19.16 -35.14 -11.30
N TRP A 546 18.17 -34.62 -10.57
CA TRP A 546 18.28 -34.45 -9.10
C TRP A 546 16.94 -34.35 -8.38
N ASP A 547 16.93 -34.82 -7.13
CA ASP A 547 15.78 -34.70 -6.24
C ASP A 547 16.00 -33.50 -5.34
N VAL A 548 14.93 -32.75 -5.10
CA VAL A 548 15.01 -31.58 -4.23
C VAL A 548 15.27 -32.07 -2.81
N SER A 549 16.21 -31.40 -2.12
CA SER A 549 16.58 -31.72 -0.74
C SER A 549 16.68 -30.42 0.07
N THR A 550 16.44 -30.53 1.37
CA THR A 550 16.70 -29.39 2.28
C THR A 550 18.20 -29.02 2.38
N THR A 551 19.09 -29.97 2.03
CA THR A 551 20.52 -29.71 1.97
C THR A 551 20.96 -29.31 0.56
N ARG A 552 21.76 -28.25 0.47
CA ARG A 552 22.16 -27.71 -0.80
C ARG A 552 23.16 -28.63 -1.47
N ARG A 553 23.05 -28.75 -2.79
CA ARG A 553 24.06 -29.37 -3.62
C ARG A 553 24.58 -28.31 -4.55
N ILE A 554 25.88 -28.33 -4.81
CA ILE A 554 26.50 -27.50 -5.84
C ILE A 554 27.21 -28.44 -6.81
N ILE A 555 26.92 -28.28 -8.11
CA ILE A 555 27.58 -29.05 -9.15
C ILE A 555 28.38 -28.07 -9.98
N GLN A 556 29.34 -28.62 -10.74
CA GLN A 556 30.20 -27.83 -11.61
C GLN A 556 30.34 -28.51 -12.96
N VAL A 557 30.24 -27.69 -14.01
CA VAL A 557 30.27 -28.14 -15.39
C VAL A 557 31.08 -27.07 -16.10
N GLY A 558 32.38 -27.33 -16.28
CA GLY A 558 33.30 -26.34 -16.86
C GLY A 558 33.47 -25.17 -15.90
N ASP A 559 33.29 -23.95 -16.41
CA ASP A 559 33.36 -22.73 -15.59
C ASP A 559 31.98 -22.28 -15.03
N LEU A 560 30.97 -23.15 -15.08
CA LEU A 560 29.65 -22.87 -14.52
C LEU A 560 29.45 -23.66 -13.22
N LYS A 561 29.16 -22.95 -12.13
CA LYS A 561 28.73 -23.56 -10.87
C LYS A 561 27.21 -23.47 -10.79
N ILE A 562 26.54 -24.56 -10.43
CA ILE A 562 25.08 -24.57 -10.31
C ILE A 562 24.66 -24.99 -8.92
N LEU A 563 24.02 -24.06 -8.20
CA LEU A 563 23.42 -24.35 -6.89
C LEU A 563 22.03 -24.96 -7.08
N LEU A 564 21.79 -26.09 -6.42
CA LEU A 564 20.52 -26.82 -6.50
C LEU A 564 19.81 -26.74 -5.15
N LEU A 565 18.73 -25.96 -5.08
CA LEU A 565 18.08 -25.60 -3.81
C LEU A 565 16.65 -26.06 -3.70
N ASP A 566 16.15 -26.22 -2.47
CA ASP A 566 14.71 -26.29 -2.25
C ASP A 566 14.18 -24.86 -2.11
N ARG A 567 12.88 -24.69 -2.34
CA ARG A 567 12.23 -23.38 -2.28
C ARG A 567 12.52 -22.64 -0.97
N ASN A 568 12.35 -23.31 0.16
CA ASN A 568 12.53 -22.66 1.45
C ASN A 568 13.95 -22.13 1.67
N SER A 569 14.97 -22.85 1.20
CA SER A 569 16.36 -22.32 1.23
C SER A 569 16.56 -21.16 0.28
N ALA A 570 16.00 -21.24 -0.92
CA ALA A 570 16.05 -20.14 -1.89
C ALA A 570 15.46 -18.83 -1.35
N TYR A 571 14.49 -18.92 -0.44
CA TYR A 571 13.94 -17.73 0.24
C TYR A 571 14.99 -16.90 0.98
N ASN A 572 16.09 -17.53 1.41
CA ASN A 572 17.14 -16.83 2.16
C ASN A 572 18.25 -16.19 1.31
N TYR A 573 18.13 -16.26 -0.01
CA TYR A 573 19.14 -15.72 -0.91
C TYR A 573 18.71 -14.36 -1.38
N TRP A 574 19.71 -13.53 -1.65
CA TRP A 574 19.52 -12.15 -2.03
C TRP A 574 20.51 -11.84 -3.14
N VAL A 575 20.19 -10.85 -3.97
CA VAL A 575 21.04 -10.50 -5.10
C VAL A 575 21.26 -8.99 -5.15
N PRO A 576 22.00 -8.45 -4.15
CA PRO A 576 22.23 -7.01 -4.18
C PRO A 576 23.14 -6.62 -5.33
N GLN A 577 22.87 -5.48 -5.92
CA GLN A 577 23.76 -4.85 -6.88
C GLN A 577 25.02 -4.38 -6.14
N LEU A 578 26.17 -4.45 -6.80
CA LEU A 578 27.45 -4.13 -6.17
C LEU A 578 27.97 -2.78 -6.67
N ALA A 579 27.97 -1.78 -5.79
CA ALA A 579 28.50 -0.47 -6.13
C ALA A 579 30.02 -0.47 -6.02
N THR A 580 30.69 0.05 -7.06
CA THR A 580 32.15 0.31 -7.04
C THR A 580 32.49 1.81 -6.98
N ASP A 581 31.60 2.68 -7.51
CA ASP A 581 31.81 4.15 -7.55
C ASP A 581 31.39 4.87 -6.26
N GLY A 582 30.41 4.33 -5.55
CA GLY A 582 29.91 4.90 -4.29
C GLY A 582 29.32 3.80 -3.41
N THR A 583 28.26 4.14 -2.66
CA THR A 583 27.55 3.17 -1.81
C THR A 583 26.13 2.82 -2.28
N SER A 584 25.55 3.65 -3.15
CA SER A 584 24.19 3.43 -3.64
C SER A 584 24.18 2.40 -4.78
N PRO A 585 23.14 1.54 -4.82
CA PRO A 585 23.11 0.52 -5.88
C PRO A 585 22.95 1.07 -7.32
N GLY A 586 22.26 2.19 -7.46
CA GLY A 586 21.89 2.71 -8.77
C GLY A 586 20.68 1.95 -9.31
N PHE A 587 20.11 2.46 -10.40
CA PHE A 587 18.98 1.84 -11.05
C PHE A 587 19.37 0.50 -11.67
N SER A 588 18.37 -0.32 -11.99
CA SER A 588 18.63 -1.65 -12.56
C SER A 588 18.98 -1.55 -14.06
N THR A 589 20.12 -0.94 -14.39
CA THR A 589 20.60 -0.87 -15.78
C THR A 589 21.26 -2.21 -16.10
N PRO A 590 21.44 -2.53 -17.39
CA PRO A 590 22.06 -3.85 -17.65
C PRO A 590 23.46 -4.03 -17.01
N GLU A 591 24.28 -2.98 -17.00
CA GLU A 591 25.63 -3.00 -16.41
C GLU A 591 25.59 -3.26 -14.89
N LYS A 592 24.75 -2.53 -14.18
CA LYS A 592 24.65 -2.68 -12.72
C LYS A 592 23.96 -3.97 -12.28
N VAL A 593 23.10 -4.54 -13.13
CA VAL A 593 22.53 -5.87 -12.86
C VAL A 593 23.64 -6.95 -12.97
N ALA A 594 24.43 -6.87 -14.05
CA ALA A 594 25.49 -7.85 -14.34
C ALA A 594 26.50 -7.92 -13.19
N SER A 595 26.86 -6.77 -12.64
CA SER A 595 27.76 -6.69 -11.50
C SER A 595 26.98 -6.70 -10.19
N SER A 596 26.37 -7.84 -9.88
CA SER A 596 25.69 -8.06 -8.61
C SER A 596 26.37 -9.24 -7.97
N ILE A 597 26.22 -9.39 -6.67
CA ILE A 597 26.70 -10.58 -5.97
C ILE A 597 25.52 -11.34 -5.40
N ILE A 598 25.76 -12.60 -5.05
CA ILE A 598 24.75 -13.45 -4.44
C ILE A 598 25.08 -13.64 -2.96
N VAL A 599 24.10 -13.34 -2.10
CA VAL A 599 24.30 -13.38 -0.67
C VAL A 599 23.22 -14.25 -0.04
N LYS A 600 23.63 -15.31 0.65
CA LYS A 600 22.73 -16.12 1.45
C LYS A 600 22.76 -15.55 2.86
N ALA A 601 21.61 -15.20 3.41
CA ALA A 601 21.56 -14.58 4.74
C ALA A 601 20.21 -14.91 5.40
N GLY A 602 19.56 -13.94 6.04
CA GLY A 602 18.26 -14.18 6.66
C GLY A 602 17.25 -13.13 6.25
N TYR A 603 16.87 -12.30 7.20
CA TYR A 603 15.71 -11.42 7.08
C TYR A 603 15.78 -10.45 5.90
N LEU A 604 16.95 -9.83 5.69
CA LEU A 604 17.10 -8.82 4.62
C LEU A 604 18.55 -8.49 4.30
N VAL A 605 18.84 -8.35 3.00
CA VAL A 605 20.07 -7.76 2.52
C VAL A 605 19.67 -6.55 1.67
N ARG A 606 20.09 -5.36 2.11
CA ARG A 606 19.72 -4.11 1.48
C ARG A 606 20.69 -3.74 0.37
N THR A 607 21.98 -3.67 0.71
CA THR A 607 22.99 -3.21 -0.24
C THR A 607 24.31 -3.95 -0.17
N ALA A 608 25.13 -3.73 -1.20
CA ALA A 608 26.50 -4.16 -1.17
C ALA A 608 27.34 -3.15 -1.95
N TYR A 609 28.54 -2.87 -1.46
CA TYR A 609 29.49 -2.05 -2.18
C TYR A 609 30.95 -2.42 -1.87
N LEU A 610 31.80 -2.12 -2.85
CA LEU A 610 33.21 -2.37 -2.77
C LEU A 610 33.90 -1.03 -2.61
N LYS A 611 34.87 -0.99 -1.70
CA LYS A 611 35.67 0.22 -1.48
C LYS A 611 37.02 -0.23 -0.99
N GLY A 612 38.04 0.04 -1.81
CA GLY A 612 39.38 -0.45 -1.55
C GLY A 612 39.35 -1.97 -1.44
N SER A 613 39.87 -2.48 -0.34
CA SER A 613 39.92 -3.92 -0.08
C SER A 613 38.74 -4.42 0.79
N GLY A 614 37.74 -3.55 1.04
CA GLY A 614 36.56 -3.90 1.85
C GLY A 614 35.33 -4.24 1.02
N LEU A 615 34.74 -5.40 1.29
CA LEU A 615 33.39 -5.74 0.79
C LEU A 615 32.38 -5.37 1.87
N TYR A 616 31.57 -4.34 1.61
CA TYR A 616 30.60 -3.83 2.58
C TYR A 616 29.19 -4.29 2.24
N LEU A 617 28.51 -4.90 3.21
CA LEU A 617 27.12 -5.29 3.08
C LEU A 617 26.29 -4.51 4.10
N THR A 618 25.13 -3.99 3.67
CA THR A 618 24.11 -3.54 4.62
C THR A 618 22.95 -4.56 4.61
N ALA A 619 22.49 -4.93 5.80
CA ALA A 619 21.51 -6.00 5.96
C ALA A 619 20.78 -5.84 7.30
N ASP A 620 19.66 -6.56 7.44
CA ASP A 620 18.90 -6.61 8.69
C ASP A 620 18.79 -8.06 9.12
N PHE A 621 18.71 -8.27 10.44
CA PHE A 621 18.61 -9.61 11.01
C PHE A 621 17.57 -9.65 12.12
N ASN A 622 16.75 -10.69 12.11
CA ASN A 622 15.76 -10.95 13.14
C ASN A 622 16.08 -12.24 13.91
N ALA A 623 17.29 -12.75 13.72
CA ALA A 623 17.74 -13.99 14.34
C ALA A 623 19.22 -14.14 14.05
N THR A 624 19.88 -15.02 14.81
CA THR A 624 21.28 -15.38 14.58
C THR A 624 21.39 -16.02 13.19
N THR A 625 22.28 -15.49 12.36
CA THR A 625 22.23 -15.64 10.89
C THR A 625 23.60 -16.02 10.30
N SER A 626 23.65 -17.11 9.55
CA SER A 626 24.85 -17.44 8.77
C SER A 626 24.75 -16.70 7.44
N VAL A 627 25.85 -16.02 7.09
CA VAL A 627 25.92 -15.18 5.91
C VAL A 627 26.95 -15.82 4.98
N GLU A 628 26.56 -16.06 3.74
CA GLU A 628 27.47 -16.61 2.73
C GLU A 628 27.48 -15.67 1.54
N VAL A 629 28.67 -15.35 1.02
CA VAL A 629 28.81 -14.48 -0.14
C VAL A 629 29.47 -15.25 -1.30
N ILE A 630 28.79 -15.23 -2.44
CA ILE A 630 29.26 -15.86 -3.67
C ILE A 630 29.46 -14.75 -4.69
N GLY A 631 30.61 -14.78 -5.37
CA GLY A 631 31.02 -13.73 -6.30
C GLY A 631 31.79 -12.58 -5.66
N VAL A 632 32.57 -12.91 -4.64
CA VAL A 632 33.39 -11.90 -3.97
C VAL A 632 34.47 -11.46 -4.95
N PRO A 633 34.59 -10.14 -5.20
CA PRO A 633 35.65 -9.69 -6.11
C PRO A 633 37.06 -9.98 -5.56
N SER A 634 38.01 -10.12 -6.48
CA SER A 634 39.38 -10.56 -6.16
C SER A 634 40.14 -9.59 -5.25
N THR A 635 39.85 -8.30 -5.39
CA THR A 635 40.51 -7.26 -4.61
C THR A 635 40.01 -7.15 -3.17
N ALA A 636 38.89 -7.79 -2.85
CA ALA A 636 38.33 -7.75 -1.50
C ALA A 636 39.04 -8.71 -0.58
N LYS A 637 39.52 -8.19 0.55
CA LYS A 637 40.14 -9.02 1.61
C LYS A 637 39.32 -9.06 2.91
N ASN A 638 38.48 -8.05 3.16
CA ASN A 638 37.79 -7.89 4.43
C ASN A 638 36.28 -7.77 4.23
N LEU A 639 35.52 -8.40 5.13
CA LEU A 639 34.06 -8.35 5.13
C LEU A 639 33.58 -7.38 6.21
N PHE A 640 32.77 -6.40 5.80
CA PHE A 640 32.12 -5.48 6.72
C PHE A 640 30.60 -5.70 6.59
N ILE A 641 29.93 -5.90 7.74
CA ILE A 641 28.46 -5.98 7.80
C ILE A 641 27.92 -4.82 8.66
N ASN A 642 27.18 -3.91 8.02
CA ASN A 642 26.60 -2.73 8.69
C ASN A 642 27.69 -1.83 9.33
N GLY A 643 28.76 -1.60 8.58
CA GLY A 643 29.90 -0.80 9.02
C GLY A 643 30.99 -1.51 9.83
N ASP A 644 30.72 -2.70 10.34
CA ASP A 644 31.62 -3.35 11.31
C ASP A 644 32.36 -4.54 10.73
N LYS A 645 33.70 -4.50 10.81
CA LYS A 645 34.55 -5.61 10.37
C LYS A 645 34.09 -6.92 11.02
N THR A 646 33.91 -7.93 10.20
CA THR A 646 33.31 -9.18 10.60
C THR A 646 34.24 -10.28 10.11
N SER A 647 34.56 -11.23 10.99
CA SER A 647 35.45 -12.34 10.65
C SER A 647 34.79 -13.23 9.61
N HIS A 648 35.56 -13.64 8.60
CA HIS A 648 35.07 -14.59 7.61
C HIS A 648 36.04 -15.73 7.35
N THR A 649 35.49 -16.88 6.94
CA THR A 649 36.26 -18.00 6.39
C THR A 649 35.91 -18.19 4.92
N VAL A 650 36.83 -18.77 4.16
CA VAL A 650 36.63 -19.04 2.74
C VAL A 650 36.74 -20.56 2.58
N ASP A 651 35.65 -21.20 2.19
CA ASP A 651 35.63 -22.65 1.98
C ASP A 651 36.29 -23.03 0.65
N LYS A 652 36.37 -24.33 0.37
CA LYS A 652 37.06 -24.85 -0.82
C LYS A 652 36.55 -24.36 -2.19
N ASN A 653 35.28 -23.97 -2.27
CA ASN A 653 34.67 -23.41 -3.51
C ASN A 653 34.70 -21.87 -3.62
N GLY A 654 35.44 -21.20 -2.73
CA GLY A 654 35.59 -19.73 -2.77
C GLY A 654 34.46 -18.92 -2.17
N ILE A 655 33.56 -19.56 -1.44
CA ILE A 655 32.44 -18.92 -0.79
C ILE A 655 32.86 -18.40 0.59
N TRP A 656 32.78 -17.09 0.78
CA TRP A 656 33.01 -16.46 2.09
C TRP A 656 31.85 -16.78 3.02
N SER A 657 32.18 -17.13 4.27
CA SER A 657 31.19 -17.40 5.31
C SER A 657 31.43 -16.50 6.54
N ALA A 658 30.34 -16.18 7.23
CA ALA A 658 30.39 -15.41 8.46
C ALA A 658 29.09 -15.59 9.22
N THR A 659 29.11 -15.19 10.49
CA THR A 659 27.97 -15.27 11.37
C THR A 659 27.69 -13.87 11.93
N VAL A 660 26.42 -13.55 12.05
CA VAL A 660 25.95 -12.35 12.74
C VAL A 660 25.08 -12.83 13.88
N ASP A 661 25.50 -12.50 15.10
CA ASP A 661 24.80 -12.89 16.31
C ASP A 661 23.67 -11.90 16.57
N TYR A 662 22.50 -12.44 16.94
CA TYR A 662 21.34 -11.64 17.29
C TYR A 662 21.16 -11.79 18.79
N ASN A 663 21.39 -10.71 19.52
CA ASN A 663 21.16 -10.67 20.97
C ASN A 663 20.38 -9.41 21.27
N ALA A 664 19.08 -9.59 21.41
CA ALA A 664 18.16 -8.49 21.54
C ALA A 664 18.38 -7.81 22.88
N PRO A 665 18.30 -6.47 22.91
CA PRO A 665 18.39 -5.76 24.17
C PRO A 665 17.05 -5.81 24.90
N ASP A 666 17.09 -5.48 26.20
CA ASP A 666 15.88 -5.33 26.99
C ASP A 666 15.05 -4.17 26.42
N ILE A 667 13.87 -4.50 25.88
CA ILE A 667 12.93 -3.51 25.37
C ILE A 667 11.96 -3.19 26.51
N SER A 668 12.08 -1.98 27.06
CA SER A 668 11.27 -1.53 28.19
C SER A 668 10.21 -0.53 27.73
N LEU A 669 8.94 -0.95 27.80
CA LEU A 669 7.81 -0.08 27.46
C LEU A 669 6.99 0.23 28.70
N PRO A 670 6.63 1.52 28.90
CA PRO A 670 5.80 1.86 30.05
C PRO A 670 4.40 1.27 29.99
N SER A 671 3.84 1.01 31.17
CA SER A 671 2.45 0.59 31.33
C SER A 671 1.57 1.84 31.15
N LEU A 672 0.83 1.92 30.04
CA LEU A 672 0.01 3.09 29.74
C LEU A 672 -1.06 3.38 30.79
N LYS A 673 -1.61 2.34 31.41
CA LYS A 673 -2.61 2.54 32.47
C LYS A 673 -2.07 3.26 33.70
N ASP A 674 -0.76 3.11 33.97
CA ASP A 674 -0.09 3.74 35.12
C ASP A 674 0.48 5.15 34.87
N LEU A 675 0.18 5.75 33.72
CA LEU A 675 0.61 7.12 33.43
C LEU A 675 -0.20 8.15 34.22
N ASP A 676 0.28 9.39 34.21
CA ASP A 676 -0.38 10.49 34.88
C ASP A 676 -1.46 11.11 33.96
N TRP A 677 -2.58 10.40 33.82
CA TRP A 677 -3.68 10.82 32.94
C TRP A 677 -4.42 12.05 33.47
N LYS A 678 -4.49 13.08 32.63
CA LYS A 678 -5.26 14.28 32.90
C LYS A 678 -6.49 14.31 32.00
N TYR A 679 -7.65 14.64 32.57
CA TYR A 679 -8.93 14.65 31.88
C TYR A 679 -9.48 16.07 31.73
N VAL A 680 -10.12 16.33 30.59
CA VAL A 680 -10.99 17.49 30.41
C VAL A 680 -12.23 17.07 29.65
N ASP A 681 -13.37 17.67 30.00
CA ASP A 681 -14.63 17.38 29.33
C ASP A 681 -14.56 17.99 27.93
N THR A 682 -14.64 17.17 26.89
CA THR A 682 -14.57 17.70 25.54
C THR A 682 -15.94 17.82 24.84
N LEU A 683 -17.00 17.81 25.65
CA LEU A 683 -18.32 18.23 25.20
C LEU A 683 -18.92 19.23 26.21
N PRO A 684 -18.25 20.40 26.41
CA PRO A 684 -18.81 21.43 27.27
C PRO A 684 -20.07 22.07 26.69
N GLU A 685 -20.33 21.82 25.41
CA GLU A 685 -21.53 22.30 24.72
C GLU A 685 -22.86 21.91 25.42
N ILE A 686 -22.91 20.76 26.08
CA ILE A 686 -24.16 20.30 26.72
C ILE A 686 -24.39 20.83 28.14
N GLN A 687 -23.53 21.73 28.61
CA GLN A 687 -23.77 22.47 29.84
C GLN A 687 -24.48 23.78 29.52
N SER A 688 -25.34 24.22 30.44
CA SER A 688 -26.18 25.40 30.24
C SER A 688 -25.39 26.70 30.16
N SER A 689 -24.21 26.74 30.78
CA SER A 689 -23.34 27.92 30.71
C SER A 689 -22.61 28.15 29.36
N TYR A 690 -22.61 27.16 28.46
CA TYR A 690 -21.84 27.26 27.22
C TYR A 690 -22.34 28.38 26.32
N ASP A 691 -21.41 29.18 25.80
CA ASP A 691 -21.71 30.32 24.94
C ASP A 691 -21.18 30.03 23.53
N ASP A 692 -22.09 29.81 22.58
CA ASP A 692 -21.71 29.47 21.20
C ASP A 692 -21.70 30.65 20.21
N SER A 693 -21.69 31.87 20.72
CA SER A 693 -21.92 33.06 19.90
C SER A 693 -20.88 33.30 18.80
N LEU A 694 -19.68 32.73 18.93
CA LEU A 694 -18.67 32.81 17.87
C LEU A 694 -18.73 31.65 16.86
N TRP A 695 -19.65 30.70 17.03
CA TRP A 695 -19.78 29.58 16.09
C TRP A 695 -20.30 30.09 14.74
N PRO A 696 -19.87 29.47 13.63
CA PRO A 696 -20.51 29.78 12.35
C PRO A 696 -22.02 29.46 12.37
N ALA A 697 -22.81 30.32 11.75
CA ALA A 697 -24.24 30.13 11.65
C ALA A 697 -24.50 29.26 10.46
N ALA A 698 -25.42 28.31 10.59
CA ALA A 698 -25.80 27.44 9.49
C ALA A 698 -27.04 28.02 8.84
N ASP A 699 -26.84 29.16 8.19
CA ASP A 699 -27.92 30.03 7.72
C ASP A 699 -28.01 30.17 6.18
N LEU A 700 -27.27 29.36 5.44
CA LEU A 700 -27.31 29.40 3.97
C LEU A 700 -28.65 28.88 3.46
N LYS A 701 -29.34 29.70 2.67
CA LYS A 701 -30.66 29.36 2.14
C LYS A 701 -30.54 28.44 0.92
N GLN A 702 -29.42 28.51 0.22
CA GLN A 702 -29.14 27.65 -0.92
C GLN A 702 -27.88 26.84 -0.65
N THR A 703 -27.88 25.61 -1.11
CA THR A 703 -26.69 24.79 -1.10
C THR A 703 -25.91 25.04 -2.39
N LYS A 704 -24.59 24.89 -2.32
CA LYS A 704 -23.75 24.82 -3.52
C LYS A 704 -23.57 23.37 -4.01
N ASN A 705 -24.19 22.42 -3.31
CA ASN A 705 -24.11 21.00 -3.62
C ASN A 705 -25.13 20.62 -4.71
N THR A 706 -24.65 20.34 -5.92
CA THR A 706 -25.51 19.93 -7.04
C THR A 706 -26.11 18.51 -6.92
N LEU A 707 -25.61 17.68 -6.00
CA LEU A 707 -26.09 16.29 -5.90
C LEU A 707 -27.43 16.14 -5.18
N ARG A 708 -27.60 16.88 -4.09
CA ARG A 708 -28.76 16.67 -3.23
C ARG A 708 -29.27 18.02 -2.80
N SER A 709 -30.47 18.35 -3.24
CA SER A 709 -31.05 19.65 -2.94
C SER A 709 -31.63 19.62 -1.53
N LEU A 710 -31.70 20.80 -0.91
CA LEU A 710 -32.07 20.90 0.48
C LEU A 710 -33.50 20.45 0.76
N THR A 711 -33.67 19.72 1.85
CA THR A 711 -34.97 19.37 2.41
C THR A 711 -35.20 20.04 3.80
N THR A 712 -34.31 20.96 4.18
CA THR A 712 -34.40 21.79 5.39
C THR A 712 -34.40 23.24 4.92
N PRO A 713 -34.85 24.19 5.77
CA PRO A 713 -34.87 25.59 5.32
C PRO A 713 -33.48 26.18 5.01
N THR A 714 -32.48 25.78 5.78
CA THR A 714 -31.10 26.17 5.56
C THR A 714 -30.26 24.91 5.36
N SER A 715 -29.10 25.09 4.74
CA SER A 715 -28.17 23.98 4.58
C SER A 715 -27.52 23.62 5.89
N LEU A 716 -27.57 22.33 6.21
CA LEU A 716 -26.82 21.77 7.32
C LEU A 716 -25.77 20.76 6.78
N TYR A 717 -25.38 20.92 5.52
CA TYR A 717 -24.30 20.12 4.95
C TYR A 717 -23.00 20.76 5.41
N SER A 718 -22.14 19.95 6.04
CA SER A 718 -20.92 20.45 6.66
C SER A 718 -19.99 21.11 5.64
N SER A 719 -19.89 20.52 4.45
CA SER A 719 -18.98 21.02 3.42
C SER A 719 -19.36 22.38 2.79
N ASP A 720 -20.64 22.73 2.81
CA ASP A 720 -21.07 24.09 2.47
C ASP A 720 -20.44 25.19 3.35
N TYR A 721 -19.98 24.84 4.55
CA TYR A 721 -19.32 25.77 5.48
C TYR A 721 -17.81 25.48 5.65
N GLY A 722 -17.25 24.63 4.79
CA GLY A 722 -15.81 24.31 4.81
C GLY A 722 -15.36 23.23 5.76
N PHE A 723 -16.30 22.45 6.30
CA PHE A 723 -15.98 21.41 7.27
C PHE A 723 -16.12 20.04 6.60
N HIS A 724 -15.00 19.35 6.44
CA HIS A 724 -14.93 18.10 5.68
C HIS A 724 -14.41 16.88 6.44
N THR A 725 -14.02 17.03 7.70
CA THR A 725 -13.26 15.96 8.37
C THR A 725 -13.50 15.90 9.88
N GLY A 726 -13.41 14.70 10.44
CA GLY A 726 -13.53 14.49 11.89
C GLY A 726 -14.95 14.65 12.38
N TYR A 727 -15.11 14.72 13.72
CA TYR A 727 -16.42 14.88 14.30
C TYR A 727 -16.99 16.26 14.01
N LEU A 728 -18.29 16.30 13.73
CA LEU A 728 -19.03 17.54 13.44
C LEU A 728 -20.00 17.81 14.58
N LEU A 729 -20.12 19.07 15.00
CA LEU A 729 -21.08 19.47 16.03
C LEU A 729 -22.06 20.49 15.48
N TYR A 730 -23.35 20.22 15.69
CA TYR A 730 -24.44 21.11 15.36
C TYR A 730 -25.16 21.51 16.64
N ARG A 731 -25.54 22.80 16.74
CA ARG A 731 -26.39 23.30 17.84
C ARG A 731 -27.61 24.01 17.29
N GLY A 732 -28.80 23.58 17.71
CA GLY A 732 -30.06 24.11 17.24
C GLY A 732 -30.82 24.82 18.35
N HIS A 733 -30.93 26.14 18.24
CA HIS A 733 -31.59 26.97 19.24
C HIS A 733 -33.07 27.11 18.92
N PHE A 734 -33.91 26.92 19.92
CA PHE A 734 -35.32 27.28 19.80
C PHE A 734 -35.92 27.76 21.11
N THR A 735 -37.01 28.51 21.00
CA THR A 735 -37.84 28.87 22.15
C THR A 735 -38.97 27.86 22.19
N ALA A 736 -39.21 27.31 23.39
CA ALA A 736 -40.27 26.32 23.58
C ALA A 736 -41.64 27.00 23.67
N THR A 737 -42.67 26.34 23.13
CA THR A 737 -44.06 26.70 23.36
C THR A 737 -44.56 26.02 24.62
N GLY A 738 -44.02 24.83 24.91
CA GLY A 738 -44.46 23.98 26.03
C GLY A 738 -45.19 22.74 25.56
N ASN A 739 -45.53 22.70 24.26
CA ASN A 739 -46.29 21.61 23.68
C ASN A 739 -45.44 20.61 22.87
N GLU A 740 -44.12 20.73 22.93
CA GLU A 740 -43.23 19.89 22.12
C GLU A 740 -43.16 18.52 22.73
N SER A 741 -43.03 17.52 21.87
CA SER A 741 -43.03 16.11 22.26
C SER A 741 -41.85 15.32 21.68
N THR A 742 -41.69 15.39 20.36
CA THR A 742 -40.66 14.63 19.66
C THR A 742 -39.74 15.51 18.83
N PHE A 743 -38.51 15.03 18.64
CA PHE A 743 -37.55 15.61 17.71
C PHE A 743 -37.05 14.45 16.86
N ALA A 744 -37.30 14.52 15.56
CA ALA A 744 -36.81 13.52 14.60
C ALA A 744 -35.66 14.13 13.81
N ILE A 745 -34.64 13.35 13.50
CA ILE A 745 -33.44 13.90 12.85
C ILE A 745 -32.71 12.85 12.01
N ASP A 746 -32.42 13.21 10.75
CA ASP A 746 -31.70 12.34 9.80
C ASP A 746 -30.28 12.84 9.73
N THR A 747 -29.34 12.03 10.26
CA THR A 747 -27.91 12.30 10.26
C THR A 747 -27.20 11.35 9.30
N GLN A 748 -26.13 11.86 8.69
CA GLN A 748 -25.40 11.15 7.65
C GLN A 748 -23.91 11.42 7.84
N GLY A 749 -23.17 10.36 8.14
CA GLY A 749 -21.73 10.43 8.31
C GLY A 749 -20.94 9.45 7.49
N GLY A 750 -21.62 8.60 6.69
CA GLY A 750 -20.95 7.53 5.93
C GLY A 750 -20.99 6.21 6.68
N SER A 751 -20.68 5.12 5.98
CA SER A 751 -20.71 3.77 6.58
C SER A 751 -20.04 3.70 7.98
N ALA A 752 -20.75 3.07 8.91
CA ALA A 752 -20.29 2.85 10.29
C ALA A 752 -20.22 4.11 11.16
N PHE A 753 -20.86 5.19 10.71
CA PHE A 753 -20.86 6.44 11.47
C PHE A 753 -21.78 6.29 12.69
N GLY A 754 -21.60 7.19 13.65
CA GLY A 754 -22.52 7.34 14.77
C GLY A 754 -22.92 8.79 15.00
N SER A 755 -23.97 8.98 15.79
CA SER A 755 -24.35 10.30 16.24
C SER A 755 -25.04 10.23 17.59
N SER A 756 -24.91 11.30 18.36
CA SER A 756 -25.50 11.43 19.69
C SER A 756 -26.21 12.78 19.75
N VAL A 757 -27.35 12.84 20.47
CA VAL A 757 -28.15 14.06 20.57
C VAL A 757 -28.51 14.35 22.02
N TRP A 758 -28.37 15.62 22.40
CA TRP A 758 -28.76 16.14 23.69
C TRP A 758 -29.70 17.33 23.48
N LEU A 759 -30.63 17.51 24.41
CA LEU A 759 -31.44 18.72 24.55
C LEU A 759 -30.94 19.38 25.84
N ASN A 760 -30.31 20.54 25.72
CA ASN A 760 -29.53 21.14 26.82
C ASN A 760 -28.61 20.07 27.43
N GLY A 761 -28.75 19.72 28.72
CA GLY A 761 -27.93 18.66 29.34
C GLY A 761 -28.54 17.27 29.26
N THR A 762 -29.76 17.17 28.74
CA THR A 762 -30.49 15.91 28.74
C THR A 762 -30.14 15.09 27.51
N TYR A 763 -29.64 13.88 27.74
CA TYR A 763 -29.31 12.92 26.69
C TYR A 763 -30.57 12.34 26.05
N LEU A 764 -30.79 12.62 24.75
CA LEU A 764 -31.91 12.08 24.02
C LEU A 764 -31.61 10.67 23.47
N GLY A 765 -30.38 10.46 23.01
CA GLY A 765 -29.96 9.16 22.49
C GLY A 765 -28.86 9.21 21.42
N SER A 766 -28.57 8.05 20.86
CA SER A 766 -27.52 7.88 19.89
C SER A 766 -27.93 6.85 18.85
N TRP A 767 -27.46 7.05 17.63
CA TRP A 767 -27.28 5.96 16.68
C TRP A 767 -25.87 5.42 16.89
N THR A 768 -25.77 4.17 17.33
CA THR A 768 -24.51 3.55 17.70
C THR A 768 -23.73 3.08 16.46
N GLY A 769 -24.43 2.92 15.34
CA GLY A 769 -23.81 2.76 14.02
C GLY A 769 -23.79 1.32 13.55
N LEU A 770 -23.79 1.16 12.24
CA LEU A 770 -23.59 -0.13 11.60
C LEU A 770 -22.89 0.14 10.30
N TYR A 771 -22.02 -0.77 9.89
CA TYR A 771 -21.40 -0.68 8.57
C TYR A 771 -22.44 -0.50 7.45
N ALA A 772 -23.57 -1.21 7.58
CA ALA A 772 -24.66 -1.13 6.59
C ALA A 772 -25.29 0.27 6.45
N ASN A 773 -25.27 1.09 7.50
CA ASN A 773 -25.89 2.42 7.50
C ASN A 773 -24.89 3.53 7.28
N SER A 774 -25.07 4.28 6.19
CA SER A 774 -24.35 5.53 5.99
C SER A 774 -25.18 6.77 6.43
N ASP A 775 -26.48 6.58 6.61
CA ASP A 775 -27.34 7.58 7.29
C ASP A 775 -28.32 6.88 8.24
N TYR A 776 -28.98 7.66 9.09
CA TYR A 776 -29.95 7.09 10.02
C TYR A 776 -31.03 8.09 10.40
N ASN A 777 -32.28 7.63 10.44
CA ASN A 777 -33.42 8.44 10.86
C ASN A 777 -33.81 8.12 12.28
N ALA A 778 -33.47 8.99 13.21
CA ALA A 778 -33.80 8.77 14.61
C ALA A 778 -35.03 9.58 14.97
N THR A 779 -35.78 9.09 15.95
CA THR A 779 -36.85 9.86 16.56
C THR A 779 -36.70 9.76 18.07
N TYR A 780 -36.57 10.92 18.72
CA TYR A 780 -36.36 11.01 20.15
C TYR A 780 -37.55 11.67 20.82
N ASN A 781 -37.93 11.16 21.98
CA ASN A 781 -38.88 11.87 22.84
C ASN A 781 -38.12 12.93 23.63
N LEU A 782 -38.73 14.10 23.75
CA LEU A 782 -38.17 15.20 24.51
C LEU A 782 -38.80 15.15 25.89
N PRO A 783 -38.10 15.69 26.90
CA PRO A 783 -38.78 15.90 28.16
C PRO A 783 -39.81 17.03 28.05
N GLN A 784 -40.63 17.16 29.08
CA GLN A 784 -41.64 18.21 29.15
C GLN A 784 -40.90 19.55 29.24
N LEU A 785 -41.15 20.45 28.28
CA LEU A 785 -40.43 21.73 28.16
C LEU A 785 -41.24 22.89 28.73
N GLN A 786 -40.52 23.95 29.11
CA GLN A 786 -41.12 25.16 29.71
C GLN A 786 -41.37 26.24 28.66
N ALA A 787 -42.62 26.66 28.52
CA ALA A 787 -43.06 27.77 27.66
C ALA A 787 -42.22 29.01 27.76
N GLY A 788 -41.69 29.48 26.62
CA GLY A 788 -40.94 30.73 26.56
C GLY A 788 -39.47 30.63 26.94
N LYS A 789 -39.02 29.46 27.40
CA LYS A 789 -37.60 29.24 27.67
C LYS A 789 -36.88 28.77 26.41
N THR A 790 -35.62 29.17 26.27
CA THR A 790 -34.80 28.77 25.15
C THR A 790 -34.11 27.44 25.45
N TYR A 791 -33.99 26.61 24.42
CA TYR A 791 -33.31 25.32 24.50
C TYR A 791 -32.35 25.17 23.33
N VAL A 792 -31.35 24.30 23.51
CA VAL A 792 -30.36 24.00 22.48
C VAL A 792 -30.21 22.49 22.31
N ILE A 793 -30.45 22.04 21.09
CA ILE A 793 -30.22 20.65 20.70
C ILE A 793 -28.77 20.57 20.24
N THR A 794 -27.96 19.78 20.93
CA THR A 794 -26.58 19.52 20.53
C THR A 794 -26.49 18.14 19.84
N VAL A 795 -25.85 18.11 18.67
CA VAL A 795 -25.75 16.90 17.84
C VAL A 795 -24.28 16.68 17.51
N VAL A 796 -23.74 15.52 17.86
CA VAL A 796 -22.40 15.11 17.49
C VAL A 796 -22.51 14.04 16.42
N ILE A 797 -21.78 14.22 15.31
CA ILE A 797 -21.84 13.30 14.18
C ILE A 797 -20.42 12.89 13.77
N ASP A 798 -20.16 11.60 13.71
CA ASP A 798 -18.87 11.07 13.26
C ASP A 798 -18.81 11.11 11.73
N ASN A 799 -17.99 12.00 11.17
CA ASN A 799 -17.72 11.95 9.73
C ASN A 799 -16.61 10.91 9.49
N MET A 800 -16.98 9.83 8.81
CA MET A 800 -16.06 8.73 8.55
C MET A 800 -15.15 9.01 7.34
N GLY A 801 -15.43 10.10 6.62
CA GLY A 801 -14.69 10.48 5.42
C GLY A 801 -15.66 10.74 4.28
N LEU A 802 -15.17 11.31 3.20
CA LEU A 802 -16.01 11.58 2.04
C LEU A 802 -15.94 10.41 1.08
N GLU A 803 -17.03 10.19 0.36
CA GLU A 803 -17.15 9.07 -0.56
C GLU A 803 -16.25 9.24 -1.77
N GLU A 804 -15.94 8.13 -2.41
CA GLU A 804 -15.22 8.10 -3.66
C GLU A 804 -16.18 8.51 -4.82
N ASN A 805 -15.66 8.50 -6.05
CA ASN A 805 -16.38 9.01 -7.20
C ASN A 805 -16.05 8.14 -8.40
N TRP A 806 -16.28 6.84 -8.23
CA TRP A 806 -15.79 5.86 -9.20
C TRP A 806 -16.48 5.97 -10.56
N THR A 807 -17.80 6.07 -10.56
CA THR A 807 -18.57 6.27 -11.78
C THR A 807 -18.64 7.76 -12.13
N VAL A 808 -18.13 8.09 -13.32
CA VAL A 808 -18.08 9.48 -13.80
C VAL A 808 -19.50 9.91 -14.13
N GLY A 809 -19.95 11.00 -13.52
CA GLY A 809 -21.31 11.48 -13.68
C GLY A 809 -22.23 11.22 -12.51
N GLU A 810 -21.92 10.23 -11.66
CA GLU A 810 -22.77 9.97 -10.49
C GLU A 810 -22.51 10.98 -9.36
N ASP A 811 -21.33 11.62 -9.38
CA ASP A 811 -20.98 12.67 -8.42
C ASP A 811 -21.09 12.23 -6.95
N LEU A 812 -20.76 10.95 -6.66
CA LEU A 812 -20.97 10.40 -5.31
C LEU A 812 -20.07 11.00 -4.25
N MET A 813 -18.94 11.58 -4.65
CA MET A 813 -18.07 12.31 -3.75
C MET A 813 -18.79 13.50 -3.09
N LYS A 814 -19.79 14.05 -3.77
CA LYS A 814 -20.63 15.13 -3.21
C LYS A 814 -21.66 14.70 -2.15
N THR A 815 -21.71 13.40 -1.81
CA THR A 815 -22.63 12.91 -0.78
C THR A 815 -22.42 13.72 0.50
N PRO A 816 -23.42 14.52 0.91
CA PRO A 816 -23.15 15.42 2.01
C PRO A 816 -22.99 14.72 3.35
N ARG A 817 -22.49 15.47 4.30
CA ARG A 817 -22.33 15.01 5.67
C ARG A 817 -23.00 16.04 6.56
N GLY A 818 -23.67 15.54 7.61
CA GLY A 818 -24.31 16.38 8.61
C GLY A 818 -25.76 15.98 8.78
N ILE A 819 -26.66 16.97 8.79
CA ILE A 819 -28.08 16.75 9.01
C ILE A 819 -28.82 16.92 7.69
N LEU A 820 -29.56 15.90 7.27
CA LEU A 820 -30.37 15.95 6.06
C LEU A 820 -31.80 16.45 6.29
N ASN A 821 -32.39 16.10 7.43
CA ASN A 821 -33.80 16.35 7.72
C ASN A 821 -34.00 16.45 9.22
N PHE A 822 -34.92 17.31 9.63
CA PHE A 822 -35.34 17.31 11.01
C PHE A 822 -36.80 17.75 11.12
N LEU A 823 -37.45 17.37 12.21
CA LEU A 823 -38.80 17.81 12.52
C LEU A 823 -38.95 17.93 14.03
N LEU A 824 -39.22 19.14 14.52
CA LEU A 824 -39.70 19.37 15.87
C LEU A 824 -41.23 19.31 15.77
N ALA A 825 -41.81 18.19 16.18
CA ALA A 825 -43.20 17.89 15.81
C ALA A 825 -44.15 18.97 16.34
N GLY A 826 -45.05 19.42 15.46
CA GLY A 826 -46.00 20.48 15.77
C GLY A 826 -45.47 21.91 15.63
N ARG A 827 -44.20 22.06 15.24
CA ARG A 827 -43.56 23.36 15.07
C ARG A 827 -43.06 23.48 13.64
N PRO A 828 -43.13 24.69 13.06
CA PRO A 828 -42.50 24.85 11.75
C PRO A 828 -41.00 24.63 11.87
N SER A 829 -40.38 24.08 10.82
CA SER A 829 -38.96 23.76 10.84
C SER A 829 -38.04 24.97 11.07
N SER A 830 -38.50 26.16 10.68
CA SER A 830 -37.80 27.43 10.95
C SER A 830 -37.74 27.85 12.43
N ALA A 831 -38.45 27.13 13.31
CA ALA A 831 -38.32 27.33 14.74
C ALA A 831 -36.89 27.13 15.25
N ILE A 832 -36.11 26.28 14.59
CA ILE A 832 -34.72 26.00 15.01
C ILE A 832 -33.71 26.78 14.16
N SER A 833 -32.92 27.63 14.84
CA SER A 833 -31.76 28.31 14.24
C SER A 833 -30.49 27.53 14.59
N TRP A 834 -29.74 27.16 13.56
CA TRP A 834 -28.64 26.22 13.68
C TRP A 834 -27.28 26.89 13.56
N LYS A 835 -26.34 26.42 14.37
CA LYS A 835 -24.93 26.76 14.26
C LYS A 835 -24.18 25.47 14.11
N LEU A 836 -22.96 25.51 13.57
CA LEU A 836 -22.16 24.29 13.45
C LEU A 836 -20.68 24.53 13.53
N THR A 837 -19.94 23.47 13.83
CA THR A 837 -18.50 23.47 13.67
C THR A 837 -17.92 22.09 13.37
N GLY A 838 -16.89 22.10 12.54
CA GLY A 838 -15.98 20.99 12.32
C GLY A 838 -14.65 21.50 12.83
N ASN A 839 -13.56 21.04 12.22
CA ASN A 839 -12.21 21.51 12.59
C ASN A 839 -12.16 23.03 12.57
N LEU A 840 -11.40 23.61 13.49
CA LEU A 840 -11.42 25.08 13.69
C LEU A 840 -10.89 25.81 12.46
N GLY A 841 -11.65 26.79 11.98
CA GLY A 841 -11.35 27.50 10.73
C GLY A 841 -11.81 26.83 9.44
N GLY A 842 -12.26 25.57 9.50
CA GLY A 842 -12.66 24.82 8.30
C GLY A 842 -11.51 24.75 7.31
N GLU A 843 -11.67 25.40 6.17
CA GLU A 843 -10.63 25.42 5.12
C GLU A 843 -9.44 26.32 5.47
N ASP A 844 -9.65 27.30 6.37
CA ASP A 844 -8.53 28.06 6.98
C ASP A 844 -7.99 27.28 8.18
N TYR A 845 -7.45 26.10 7.89
CA TYR A 845 -7.18 25.08 8.92
C TYR A 845 -5.93 25.46 9.67
N GLU A 846 -5.90 25.10 10.95
CA GLU A 846 -4.89 25.58 11.90
C GLU A 846 -3.54 24.89 11.72
N ASP A 847 -3.55 23.57 11.62
CA ASP A 847 -2.34 22.75 11.66
C ASP A 847 -1.78 22.53 10.25
N LYS A 848 -0.96 23.48 9.83
CA LYS A 848 -0.33 23.46 8.50
C LYS A 848 0.76 22.38 8.39
N VAL A 849 1.29 21.95 9.53
CA VAL A 849 2.30 20.91 9.59
C VAL A 849 1.68 19.53 9.43
N ARG A 850 0.53 19.33 10.07
CA ARG A 850 -0.12 18.05 10.11
C ARG A 850 -1.20 17.86 9.06
N GLY A 851 -1.57 18.93 8.37
CA GLY A 851 -2.43 18.87 7.20
C GLY A 851 -3.90 19.09 7.54
N PRO A 852 -4.73 19.27 6.50
CA PRO A 852 -6.11 19.70 6.66
C PRO A 852 -7.09 18.67 7.24
N LEU A 853 -6.71 17.39 7.31
CA LEU A 853 -7.64 16.32 7.68
C LEU A 853 -7.49 15.82 9.12
N ASN A 854 -6.34 16.09 9.74
CA ASN A 854 -5.94 15.44 10.98
C ASN A 854 -6.92 15.59 12.14
N GLU A 855 -7.41 16.79 12.36
CA GLU A 855 -8.20 17.11 13.54
C GLU A 855 -9.65 17.37 13.17
N GLY A 856 -10.58 17.05 14.08
CA GLY A 856 -12.01 17.37 13.91
C GLY A 856 -12.50 18.50 14.80
N GLY A 857 -13.80 18.51 15.09
CA GLY A 857 -14.46 19.67 15.69
C GLY A 857 -14.71 19.67 17.20
N LEU A 858 -14.23 18.64 17.90
CA LEU A 858 -14.39 18.59 19.35
C LEU A 858 -13.65 19.74 20.03
N TYR A 859 -14.26 20.28 21.07
CA TYR A 859 -13.64 21.35 21.87
C TYR A 859 -12.11 21.19 22.07
N ALA A 860 -11.67 20.03 22.55
CA ALA A 860 -10.25 19.79 22.83
C ALA A 860 -9.38 19.77 21.58
N GLU A 861 -9.95 19.33 20.46
CA GLU A 861 -9.30 19.45 19.16
C GLU A 861 -9.23 20.90 18.70
N ARG A 862 -10.32 21.65 18.84
CA ARG A 862 -10.35 23.08 18.44
C ARG A 862 -9.32 23.95 19.20
N GLN A 863 -9.12 23.64 20.48
CA GLN A 863 -8.15 24.35 21.32
C GLN A 863 -6.69 23.92 21.07
N GLY A 864 -6.47 22.78 20.42
CA GLY A 864 -5.14 22.28 20.14
C GLY A 864 -4.55 21.45 21.26
N PHE A 865 -5.41 20.90 22.13
CA PHE A 865 -4.97 20.14 23.31
C PHE A 865 -4.44 18.74 22.95
N HIS A 866 -4.67 18.29 21.73
CA HIS A 866 -4.17 17.00 21.24
C HIS A 866 -2.67 17.04 20.87
N GLN A 867 -2.07 18.21 20.91
CA GLN A 867 -0.65 18.39 20.64
C GLN A 867 0.21 18.20 21.89
N PRO A 868 1.53 17.98 21.71
CA PRO A 868 2.45 17.91 22.84
C PRO A 868 2.33 19.07 23.83
N GLU A 869 2.44 18.75 25.11
CA GLU A 869 2.53 19.73 26.20
C GLU A 869 1.28 20.61 26.27
N PRO A 870 0.08 19.98 26.39
CA PRO A 870 -1.13 20.77 26.57
C PRO A 870 -1.11 21.37 28.00
N PRO A 871 -1.91 22.43 28.25
CA PRO A 871 -1.85 23.15 29.51
C PRO A 871 -2.67 22.42 30.58
N SER A 872 -2.21 21.21 30.93
CA SER A 872 -2.99 20.23 31.67
C SER A 872 -2.59 20.04 33.13
N GLN A 873 -1.69 20.86 33.66
CA GLN A 873 -1.14 20.63 35.00
C GLN A 873 -2.23 20.58 36.07
N ASN A 874 -3.22 21.45 35.95
CA ASN A 874 -4.30 21.54 36.93
C ASN A 874 -5.65 20.93 36.53
N TRP A 875 -5.68 20.19 35.42
CA TRP A 875 -6.87 19.43 35.06
C TRP A 875 -7.09 18.31 36.07
N LYS A 876 -8.33 17.82 36.12
CA LYS A 876 -8.66 16.62 36.90
C LYS A 876 -7.80 15.44 36.47
N SER A 877 -7.49 14.58 37.44
CA SER A 877 -6.80 13.33 37.19
C SER A 877 -7.87 12.30 36.94
N SER A 878 -7.83 11.68 35.78
CA SER A 878 -8.70 10.57 35.47
C SER A 878 -8.18 9.86 34.23
N SER A 879 -8.37 8.55 34.21
CA SER A 879 -7.83 7.68 33.17
C SER A 879 -8.97 7.24 32.25
N PRO A 880 -8.68 7.01 30.96
CA PRO A 880 -9.71 6.41 30.10
C PRO A 880 -10.15 5.00 30.50
N LEU A 881 -9.36 4.30 31.34
CA LEU A 881 -9.76 3.02 31.94
C LEU A 881 -10.82 3.19 33.03
N GLU A 882 -10.91 4.39 33.64
CA GLU A 882 -11.99 4.77 34.56
C GLU A 882 -13.22 5.22 33.73
N GLY A 883 -12.99 6.13 32.78
CA GLY A 883 -13.97 6.46 31.76
C GLY A 883 -15.11 7.34 32.24
N LEU A 884 -16.28 7.17 31.60
CA LEU A 884 -17.44 8.03 31.80
C LEU A 884 -18.60 7.26 32.42
N SER A 885 -19.39 7.95 33.24
CA SER A 885 -20.56 7.37 33.90
C SER A 885 -21.90 7.82 33.26
N GLU A 886 -21.84 8.72 32.30
CA GLU A 886 -22.99 9.07 31.46
C GLU A 886 -22.54 9.30 30.01
N ALA A 887 -23.49 9.45 29.10
CA ALA A 887 -23.18 9.73 27.69
C ALA A 887 -22.47 11.06 27.62
N GLY A 888 -21.50 11.15 26.72
CA GLY A 888 -20.61 12.30 26.69
C GLY A 888 -19.32 12.00 25.95
N ILE A 889 -18.43 12.98 25.96
CA ILE A 889 -17.11 12.82 25.34
C ILE A 889 -16.08 13.43 26.28
N GLY A 890 -15.12 12.59 26.70
CA GLY A 890 -13.99 12.99 27.52
C GLY A 890 -12.69 12.99 26.72
N PHE A 891 -11.76 13.86 27.14
CA PHE A 891 -10.46 13.98 26.52
C PHE A 891 -9.42 13.69 27.59
N TYR A 892 -8.51 12.76 27.26
CA TYR A 892 -7.50 12.28 28.20
C TYR A 892 -6.12 12.56 27.65
N SER A 893 -5.22 13.05 28.50
CA SER A 893 -3.82 13.39 28.13
C SER A 893 -2.79 12.83 29.10
N ALA A 894 -1.71 12.29 28.54
CA ALA A 894 -0.57 11.80 29.31
C ALA A 894 0.67 11.73 28.44
N SER A 895 1.83 11.91 29.06
CA SER A 895 3.12 11.69 28.41
C SER A 895 3.78 10.41 28.90
N PHE A 896 4.68 9.89 28.09
CA PHE A 896 5.53 8.76 28.48
C PHE A 896 6.89 8.87 27.78
N ASP A 897 7.90 8.25 28.36
CA ASP A 897 9.25 8.27 27.81
C ASP A 897 9.57 6.91 27.22
N LEU A 898 10.34 6.93 26.14
CA LEU A 898 10.95 5.72 25.60
C LEU A 898 12.44 5.95 25.60
N ASP A 899 13.20 4.88 25.82
CA ASP A 899 14.67 4.88 25.77
C ASP A 899 15.13 3.63 25.00
N LEU A 900 14.61 3.47 23.79
CA LEU A 900 14.91 2.30 22.98
C LEU A 900 16.30 2.45 22.33
N PRO A 901 17.00 1.32 22.16
CA PRO A 901 18.40 1.41 21.75
C PRO A 901 18.60 1.69 20.24
N LYS A 902 19.68 2.39 19.92
CA LYS A 902 20.06 2.65 18.52
C LYS A 902 20.49 1.38 17.82
N GLY A 903 20.37 1.37 16.49
CA GLY A 903 20.67 0.20 15.67
C GLY A 903 19.61 -0.89 15.66
N TRP A 904 18.44 -0.62 16.25
CA TRP A 904 17.33 -1.59 16.32
C TRP A 904 16.06 -0.97 15.75
N ASP A 905 15.40 -1.72 14.85
CA ASP A 905 14.11 -1.35 14.29
C ASP A 905 13.07 -2.15 15.07
N VAL A 906 12.32 -1.46 15.94
CA VAL A 906 11.40 -2.10 16.88
C VAL A 906 9.97 -1.64 16.58
N PRO A 907 9.16 -2.50 15.94
CA PRO A 907 7.77 -2.10 15.64
C PRO A 907 6.91 -1.99 16.90
N LEU A 908 6.38 -0.80 17.17
CA LEU A 908 5.51 -0.57 18.33
C LEU A 908 4.01 -0.48 17.97
N PHE A 909 3.18 -1.06 18.83
CA PHE A 909 1.76 -1.20 18.64
C PHE A 909 1.02 -0.65 19.83
N LEU A 910 -0.10 0.00 19.56
CA LEU A 910 -0.99 0.52 20.55
C LEU A 910 -2.23 -0.40 20.56
N ASN A 911 -2.59 -0.93 21.74
CA ASN A 911 -3.63 -1.97 21.87
C ASN A 911 -4.81 -1.50 22.71
N ILE A 912 -6.02 -1.72 22.22
CA ILE A 912 -7.24 -1.41 22.95
C ILE A 912 -7.97 -2.72 23.13
N GLY A 913 -8.30 -3.06 24.39
CA GLY A 913 -8.90 -4.36 24.70
C GLY A 913 -10.32 -4.54 24.20
N ASN A 914 -10.66 -5.77 23.83
CA ASN A 914 -12.03 -6.14 23.45
C ASN A 914 -12.32 -7.64 23.70
N SER A 915 -11.91 -8.12 24.86
CA SER A 915 -12.07 -9.54 25.22
C SER A 915 -13.54 -9.92 25.48
N THR A 916 -14.36 -8.96 25.89
CA THR A 916 -15.78 -9.19 26.12
C THR A 916 -16.60 -8.23 25.30
N THR A 917 -17.85 -8.61 24.99
CA THR A 917 -18.76 -7.77 24.22
C THR A 917 -18.91 -6.40 24.89
N PRO A 918 -18.54 -5.31 24.20
CA PRO A 918 -18.51 -4.01 24.89
C PRO A 918 -19.80 -3.24 24.75
N SER A 919 -19.96 -2.24 25.60
CA SER A 919 -20.90 -1.15 25.36
C SER A 919 -20.39 -0.29 24.16
N PRO A 920 -21.30 0.42 23.47
CA PRO A 920 -20.91 1.20 22.29
C PRO A 920 -20.11 2.49 22.61
N TYR A 921 -18.87 2.56 22.16
CA TYR A 921 -18.04 3.76 22.34
C TYR A 921 -17.02 3.92 21.21
N ARG A 922 -16.57 5.17 21.03
CA ARG A 922 -15.69 5.53 19.93
C ARG A 922 -14.51 6.25 20.50
N VAL A 923 -13.33 5.94 19.95
CA VAL A 923 -12.07 6.45 20.48
C VAL A 923 -11.22 6.93 19.33
N GLN A 924 -10.59 8.08 19.52
CA GLN A 924 -9.50 8.56 18.64
C GLN A 924 -8.25 8.62 19.50
N VAL A 925 -7.11 8.29 18.91
CA VAL A 925 -5.82 8.44 19.62
C VAL A 925 -4.87 9.28 18.78
N TYR A 926 -4.40 10.38 19.38
CA TYR A 926 -3.40 11.27 18.82
C TYR A 926 -2.05 10.97 19.47
N VAL A 927 -1.04 10.69 18.66
CA VAL A 927 0.33 10.45 19.10
C VAL A 927 1.21 11.62 18.66
N ASN A 928 1.68 12.40 19.62
CA ASN A 928 2.40 13.63 19.37
C ASN A 928 1.68 14.54 18.38
N GLY A 929 0.35 14.58 18.52
CA GLY A 929 -0.53 15.37 17.67
C GLY A 929 -1.07 14.70 16.42
N TYR A 930 -0.55 13.54 16.05
CA TYR A 930 -1.00 12.83 14.84
C TYR A 930 -2.04 11.79 15.19
N GLN A 931 -3.23 11.90 14.62
CA GLN A 931 -4.26 10.89 14.88
C GLN A 931 -3.87 9.57 14.23
N TYR A 932 -3.54 8.58 15.05
CA TYR A 932 -3.09 7.26 14.56
C TYR A 932 -4.00 6.08 14.94
N ALA A 933 -5.20 6.38 15.43
CA ALA A 933 -6.16 5.35 15.81
C ALA A 933 -7.57 5.90 15.81
N LYS A 934 -8.46 5.19 15.13
CA LYS A 934 -9.88 5.40 15.20
C LYS A 934 -10.49 4.03 15.49
N TYR A 935 -11.22 3.97 16.59
CA TYR A 935 -11.73 2.73 17.16
C TYR A 935 -13.22 2.87 17.42
N ILE A 936 -13.99 1.88 16.97
CA ILE A 936 -15.41 1.79 17.29
C ILE A 936 -15.61 0.47 17.97
N SER A 937 -15.98 0.51 19.25
CA SER A 937 -16.03 -0.69 20.08
C SER A 937 -16.98 -1.74 19.52
N ASN A 938 -18.12 -1.28 19.01
CA ASN A 938 -19.18 -2.20 18.60
C ASN A 938 -19.08 -2.69 17.15
N ILE A 939 -18.13 -2.19 16.37
CA ILE A 939 -18.03 -2.56 14.94
C ILE A 939 -16.69 -3.23 14.59
N GLY A 940 -15.57 -2.67 15.03
CA GLY A 940 -14.28 -3.29 14.83
C GLY A 940 -13.79 -3.24 13.37
N PRO A 941 -12.81 -4.06 12.98
CA PRO A 941 -12.21 -5.12 13.79
C PRO A 941 -10.88 -4.76 14.46
N GLN A 942 -10.38 -3.55 14.23
CA GLN A 942 -9.03 -3.22 14.65
C GLN A 942 -8.95 -2.94 16.15
N THR A 943 -8.12 -3.72 16.84
CA THR A 943 -7.72 -3.48 18.24
C THR A 943 -6.21 -3.18 18.39
N SER A 944 -5.45 -3.38 17.30
CA SER A 944 -4.00 -3.27 17.30
C SER A 944 -3.56 -2.20 16.29
N PHE A 945 -2.95 -1.14 16.79
CA PHE A 945 -2.68 0.05 16.02
C PHE A 945 -1.18 0.32 15.94
N PRO A 946 -0.53 -0.05 14.83
CA PRO A 946 0.90 0.28 14.70
C PRO A 946 1.14 1.76 14.59
N VAL A 947 2.25 2.23 15.11
CA VAL A 947 2.60 3.65 15.10
C VAL A 947 4.09 3.73 14.78
N PRO A 948 4.47 4.43 13.69
CA PRO A 948 5.90 4.38 13.30
C PRO A 948 6.87 5.24 14.14
N GLU A 949 8.11 4.76 14.26
CA GLU A 949 9.21 5.62 14.69
C GLU A 949 9.22 6.87 13.81
N GLY A 950 9.43 8.03 14.42
CA GLY A 950 9.38 9.31 13.71
C GLY A 950 8.15 10.09 14.11
N ILE A 951 7.01 9.39 14.18
CA ILE A 951 5.82 9.90 14.85
C ILE A 951 6.03 9.74 16.36
N LEU A 952 6.48 8.56 16.75
CA LEU A 952 6.98 8.28 18.12
C LEU A 952 8.48 8.58 18.19
N ASN A 953 8.92 9.11 19.33
CA ASN A 953 10.32 9.48 19.57
C ASN A 953 10.91 8.41 20.48
N TYR A 954 11.79 7.60 19.92
CA TYR A 954 12.29 6.39 20.59
C TYR A 954 13.28 6.69 21.73
N ARG A 955 13.89 7.87 21.72
CA ARG A 955 14.77 8.34 22.80
C ARG A 955 14.32 9.74 23.21
N GLY A 956 13.21 9.79 23.92
CA GLY A 956 12.56 11.06 24.27
C GLY A 956 11.14 10.87 24.77
N THR A 957 10.45 12.00 24.91
CA THR A 957 9.09 12.08 25.45
C THR A 957 8.03 12.02 24.35
N ASN A 958 6.95 11.32 24.67
CA ASN A 958 5.81 11.14 23.77
C ASN A 958 4.51 11.50 24.45
N TRP A 959 3.57 12.02 23.67
CA TRP A 959 2.28 12.48 24.17
C TRP A 959 1.16 11.69 23.52
N LEU A 960 0.27 11.18 24.39
CA LEU A 960 -0.94 10.49 23.98
C LEU A 960 -2.13 11.36 24.35
N ALA A 961 -2.95 11.68 23.36
CA ALA A 961 -4.24 12.31 23.58
C ALA A 961 -5.32 11.33 23.10
N VAL A 962 -6.28 11.04 23.98
CA VAL A 962 -7.31 10.05 23.73
C VAL A 962 -8.65 10.70 23.94
N THR A 963 -9.50 10.71 22.90
CA THR A 963 -10.90 11.08 23.05
C THR A 963 -11.72 9.80 23.23
N LEU A 964 -12.67 9.83 24.15
CA LEU A 964 -13.56 8.69 24.42
C LEU A 964 -15.01 9.16 24.39
N TRP A 965 -15.76 8.67 23.41
CA TRP A 965 -17.15 9.05 23.20
C TRP A 965 -18.05 7.88 23.55
N ALA A 966 -18.81 8.01 24.65
CA ALA A 966 -19.80 7.01 25.05
C ALA A 966 -21.15 7.30 24.41
N LEU A 967 -21.59 6.39 23.54
CA LEU A 967 -22.89 6.48 22.88
C LEU A 967 -23.91 5.59 23.64
N ASP A 968 -24.06 5.88 24.92
CA ASP A 968 -24.75 5.00 25.86
C ASP A 968 -25.02 5.85 27.12
N SER A 969 -26.24 5.83 27.63
CA SER A 969 -26.62 6.66 28.79
C SER A 969 -25.81 6.32 30.06
N ALA A 970 -25.38 5.07 30.18
CA ALA A 970 -24.51 4.62 31.28
C ALA A 970 -23.02 4.95 31.10
N GLY A 971 -22.65 5.64 30.01
CA GLY A 971 -21.26 6.00 29.75
C GLY A 971 -20.44 4.85 29.18
N GLY A 972 -19.15 4.85 29.47
CA GLY A 972 -18.27 3.79 29.00
C GLY A 972 -16.81 4.00 29.35
N LYS A 973 -16.02 2.95 29.13
CA LYS A 973 -14.59 3.02 29.43
C LYS A 973 -13.81 2.00 28.61
N LEU A 974 -12.53 2.25 28.45
CA LEU A 974 -11.63 1.26 27.85
C LEU A 974 -11.43 0.08 28.82
N GLU A 975 -11.47 -1.14 28.28
CA GLU A 975 -11.16 -2.36 29.02
C GLU A 975 -9.66 -2.41 29.34
N SER A 976 -8.84 -2.21 28.32
CA SER A 976 -7.39 -2.07 28.49
C SER A 976 -6.80 -1.16 27.41
N LEU A 977 -5.60 -0.67 27.70
CA LEU A 977 -4.86 0.23 26.83
C LEU A 977 -3.38 -0.09 27.03
N GLU A 978 -2.77 -0.73 26.03
CA GLU A 978 -1.40 -1.25 26.17
C GLU A 978 -0.49 -0.84 25.01
N LEU A 979 0.78 -0.68 25.31
CA LEU A 979 1.82 -0.47 24.32
C LEU A 979 2.57 -1.81 24.24
N SER A 980 2.74 -2.34 23.03
CA SER A 980 3.43 -3.63 22.82
C SER A 980 4.36 -3.53 21.61
N TYR A 981 5.18 -4.56 21.46
CA TYR A 981 6.13 -4.66 20.35
C TYR A 981 6.18 -6.08 19.83
N THR A 982 6.71 -6.21 18.62
CA THR A 982 7.00 -7.49 17.99
C THR A 982 8.50 -7.56 17.69
N THR A 983 8.97 -8.65 17.10
CA THR A 983 10.39 -8.96 17.00
C THR A 983 11.26 -7.75 16.68
N PRO A 984 12.18 -7.38 17.60
CA PRO A 984 13.13 -6.35 17.24
C PRO A 984 14.05 -6.85 16.15
N VAL A 985 14.37 -5.96 15.23
CA VAL A 985 15.23 -6.29 14.11
C VAL A 985 16.52 -5.51 14.27
N LEU A 986 17.64 -6.23 14.28
CA LEU A 986 18.97 -5.58 14.13
C LEU A 986 19.07 -5.06 12.70
N THR A 987 19.23 -3.74 12.55
CA THR A 987 18.99 -3.06 11.29
C THR A 987 20.15 -2.20 10.83
N ALA A 988 20.22 -2.03 9.51
CA ALA A 988 21.14 -1.13 8.84
C ALA A 988 20.56 0.27 8.64
N LEU A 989 19.26 0.45 8.92
CA LEU A 989 18.60 1.76 8.75
C LEU A 989 19.33 2.84 9.51
N GLY A 990 19.38 4.03 8.90
CA GLY A 990 19.96 5.20 9.55
C GLY A 990 19.08 5.68 10.70
N GLU A 991 19.49 6.78 11.32
CA GLU A 991 18.68 7.41 12.36
C GLU A 991 17.32 7.82 11.75
N VAL A 992 16.23 7.48 12.43
CA VAL A 992 14.93 8.00 12.05
C VAL A 992 14.73 9.33 12.79
N GLU A 993 14.72 10.43 12.05
CA GLU A 993 14.43 11.75 12.61
C GLU A 993 12.94 11.86 12.94
N SER A 994 12.67 12.41 14.12
CA SER A 994 11.31 12.77 14.49
C SER A 994 10.79 13.78 13.49
N VAL A 995 9.56 13.58 13.04
CA VAL A 995 8.87 14.61 12.23
C VAL A 995 8.57 15.81 13.12
N ASP A 996 8.25 16.93 12.48
CA ASP A 996 7.81 18.10 13.21
C ASP A 996 6.57 17.74 14.05
N GLN A 997 6.64 18.04 15.35
CA GLN A 997 5.58 17.79 16.31
C GLN A 997 5.25 19.11 17.05
N PRO A 998 4.60 20.08 16.37
CA PRO A 998 4.33 21.37 17.03
C PRO A 998 3.58 21.22 18.36
N LYS A 999 4.12 21.82 19.41
CA LYS A 999 3.53 21.72 20.74
C LYS A 999 2.29 22.62 20.84
N TYR A 1000 1.49 22.39 21.89
CA TYR A 1000 0.29 23.19 22.13
C TYR A 1000 0.66 24.67 22.19
N LYS A 1001 -0.23 25.47 21.62
CA LYS A 1001 -0.11 26.91 21.58
C LYS A 1001 -1.53 27.46 21.56
N LYS A 1002 -1.81 28.48 22.37
CA LYS A 1002 -3.17 29.02 22.46
C LYS A 1002 -3.61 29.58 21.10
N ARG A 1003 -4.86 29.32 20.74
CA ARG A 1003 -5.36 29.65 19.41
C ARG A 1003 -6.27 30.88 19.43
N LYS A 1004 -5.87 31.90 18.69
CA LYS A 1004 -6.58 33.18 18.57
C LYS A 1004 -8.03 32.98 18.15
N GLY A 1005 -8.24 32.19 17.11
CA GLY A 1005 -9.55 32.01 16.48
C GLY A 1005 -10.54 31.08 17.17
N ALA A 1006 -10.18 30.48 18.29
CA ALA A 1006 -11.09 29.57 19.00
C ALA A 1006 -12.35 30.27 19.51
N TYR A 1007 -13.39 29.49 19.74
CA TYR A 1007 -14.67 30.01 20.22
C TYR A 1007 -14.57 30.38 21.72
N HIS A 1008 -13.64 29.70 22.42
CA HIS A 1008 -13.09 30.13 23.73
C HIS A 1008 -14.14 30.31 24.81
C1 NAG B . 4.47 -8.02 10.90
C2 NAG B . 4.44 -8.47 12.36
C3 NAG B . 3.06 -9.00 12.70
C4 NAG B . 2.02 -7.92 12.46
C5 NAG B . 2.12 -7.42 11.03
C6 NAG B . 1.23 -6.19 10.84
C7 NAG B . 6.62 -9.25 13.23
C8 NAG B . 7.47 -10.44 13.53
N2 NAG B . 5.41 -9.50 12.71
O3 NAG B . 3.03 -9.38 14.07
O4 NAG B . 0.70 -8.48 12.63
O5 NAG B . 3.45 -7.04 10.71
O6 NAG B . 1.77 -5.12 11.61
O7 NAG B . 7.03 -8.13 13.43
C1 NAG B . -0.04 -7.88 13.71
C2 NAG B . -1.52 -8.25 13.55
C3 NAG B . -2.35 -7.98 14.81
C4 NAG B . -1.61 -8.55 16.03
C5 NAG B . -0.22 -7.91 16.10
C6 NAG B . 0.60 -8.32 17.33
C7 NAG B . -2.24 -8.05 11.24
C8 NAG B . -2.80 -7.13 10.21
N2 NAG B . -2.05 -7.51 12.44
O3 NAG B . -3.65 -8.56 14.65
O4 NAG B . -2.34 -8.19 17.19
O5 NAG B . 0.50 -8.32 14.94
O6 NAG B . 0.88 -9.72 17.27
O7 NAG B . -1.98 -9.22 11.00
C1 BMA B . -2.64 -9.30 18.03
C2 BMA B . -3.17 -8.66 19.29
C3 BMA B . -3.39 -9.76 20.29
C4 BMA B . -4.36 -10.81 19.77
C5 BMA B . -3.93 -11.32 18.39
C6 BMA B . -5.13 -12.07 17.84
O2 BMA B . -4.39 -7.93 18.99
O3 BMA B . -3.95 -9.19 21.47
O4 BMA B . -4.43 -11.92 20.68
O5 BMA B . -3.59 -10.24 17.50
O6 BMA B . -4.83 -12.51 16.53
C1 MAN B . -3.20 -9.57 22.62
C2 MAN B . -3.98 -9.19 23.87
C3 MAN B . -4.01 -7.67 24.05
C4 MAN B . -2.58 -7.17 24.15
C5 MAN B . -1.86 -7.56 22.85
C6 MAN B . -0.40 -7.12 22.77
O2 MAN B . -3.26 -9.84 24.91
O3 MAN B . -4.82 -7.31 25.18
O4 MAN B . -2.58 -5.77 24.39
O5 MAN B . -1.90 -8.97 22.67
O6 MAN B . 0.34 -7.77 23.80
C1 MAN B . -4.08 -10.48 25.89
C2 MAN B . -3.16 -11.20 26.87
C3 MAN B . -2.43 -12.31 26.13
C4 MAN B . -3.45 -13.28 25.52
C5 MAN B . -4.53 -12.58 24.69
C6 MAN B . -5.75 -13.46 24.43
O2 MAN B . -3.89 -11.81 27.95
O3 MAN B . -1.57 -13.03 27.02
O4 MAN B . -2.75 -14.22 24.69
O5 MAN B . -5.04 -11.39 25.32
O6 MAN B . -5.35 -14.82 24.23
C1 MAN B . -4.62 -10.93 28.84
C2 MAN B . -4.84 -11.67 30.15
C3 MAN B . -5.78 -12.86 29.93
C4 MAN B . -7.10 -12.45 29.25
C5 MAN B . -6.82 -11.57 28.03
C6 MAN B . -8.09 -10.95 27.44
O2 MAN B . -5.35 -10.75 31.12
O3 MAN B . -6.08 -13.51 31.17
O4 MAN B . -7.83 -13.62 28.84
O5 MAN B . -5.91 -10.50 28.37
O6 MAN B . -7.83 -10.56 26.08
C1 MAN B . -4.53 -13.93 16.62
C2 MAN B . -3.41 -14.42 15.73
C3 MAN B . -3.99 -14.80 14.38
C4 MAN B . -5.17 -15.76 14.48
C5 MAN B . -5.75 -16.00 15.89
C6 MAN B . -5.10 -17.19 16.58
O2 MAN B . -2.93 -15.59 16.37
O3 MAN B . -3.00 -15.42 13.56
O4 MAN B . -6.20 -15.24 13.65
O5 MAN B . -5.62 -14.83 16.72
O6 MAN B . -5.86 -18.39 16.43
C1 MAN B . -3.05 -14.94 12.21
C2 MAN B . -2.51 -15.95 11.20
C3 MAN B . -0.99 -16.00 11.24
C4 MAN B . -0.38 -14.62 11.12
C5 MAN B . -0.98 -13.69 12.17
C6 MAN B . -0.46 -12.26 12.03
O2 MAN B . -2.97 -15.59 9.89
O3 MAN B . -0.50 -16.84 10.18
O4 MAN B . 1.05 -14.70 11.27
O5 MAN B . -2.41 -13.66 12.06
O6 MAN B . -0.60 -11.62 13.30
C1 NAG C . 12.28 -13.74 10.91
C2 NAG C . 10.97 -14.22 11.53
C3 NAG C . 10.48 -15.46 10.81
C4 NAG C . 10.37 -15.22 9.31
C5 NAG C . 11.65 -14.56 8.77
C6 NAG C . 11.53 -14.10 7.33
C7 NAG C . 10.61 -13.86 13.96
C8 NAG C . 10.97 -14.42 15.31
N2 NAG C . 11.15 -14.53 12.93
O3 NAG C . 9.21 -15.84 11.32
O4 NAG C . 10.21 -16.48 8.70
O5 NAG C . 12.02 -13.41 9.55
O6 NAG C . 12.86 -13.83 6.86
O7 NAG C . 9.89 -12.87 13.85
C1 NAG C . 8.96 -16.63 8.05
C2 NAG C . 9.04 -17.80 7.07
C3 NAG C . 7.68 -18.08 6.46
C4 NAG C . 6.63 -18.23 7.55
C5 NAG C . 6.63 -17.01 8.45
C6 NAG C . 5.62 -17.13 9.60
C7 NAG C . 11.25 -17.85 6.01
C8 NAG C . 12.09 -17.29 4.87
N2 NAG C . 9.99 -17.41 6.04
O3 NAG C . 7.70 -19.26 5.63
O4 NAG C . 5.34 -18.35 6.93
O5 NAG C . 7.94 -16.82 9.00
O6 NAG C . 5.62 -15.92 10.34
O7 NAG C . 11.72 -18.64 6.83
C1 BMA C . 4.60 -19.48 7.44
C2 BMA C . 3.20 -19.52 6.84
C3 BMA C . 2.47 -20.75 7.40
C4 BMA C . 3.32 -22.00 7.28
C5 BMA C . 4.72 -21.79 7.82
C6 BMA C . 5.63 -23.00 7.61
O2 BMA C . 3.30 -19.57 5.40
O3 BMA C . 1.34 -21.17 6.65
O4 BMA C . 2.64 -23.07 7.93
O5 BMA C . 5.31 -20.68 7.15
O6 BMA C . 5.43 -23.57 6.31
C1 MAN C . 0.10 -20.48 6.83
C2 MAN C . -1.12 -21.06 6.12
C3 MAN C . -1.27 -20.31 4.79
C4 MAN C . -1.37 -18.80 5.06
C5 MAN C . -0.34 -18.25 6.07
C6 MAN C . -0.71 -16.89 6.66
O2 MAN C . -2.32 -20.84 6.88
O3 MAN C . -2.41 -20.82 4.12
O4 MAN C . -1.20 -18.15 3.80
O5 MAN C . -0.09 -19.12 7.21
O6 MAN C . 0.47 -16.35 7.26
C1 MAN C . -2.46 -21.71 8.02
C2 MAN C . -3.94 -22.03 8.26
C3 MAN C . -4.69 -20.76 8.62
C4 MAN C . -4.06 -20.04 9.81
C5 MAN C . -2.52 -19.98 9.75
C6 MAN C . -1.95 -19.81 11.15
O2 MAN C . -4.01 -22.96 9.37
O3 MAN C . -6.04 -21.09 8.93
O4 MAN C . -4.57 -18.70 9.88
O5 MAN C . -1.91 -21.17 9.22
O6 MAN C . -0.58 -19.42 11.06
C1 MAN C . -4.60 -24.23 9.08
C2 MAN C . -4.66 -25.05 10.38
C3 MAN C . -3.61 -26.17 10.50
C4 MAN C . -2.37 -25.90 9.66
C5 MAN C . -2.70 -25.61 8.18
C6 MAN C . -2.74 -26.87 7.32
O2 MAN C . -5.98 -25.59 10.56
O3 MAN C . -4.14 -27.46 10.15
O4 MAN C . -1.63 -24.80 10.22
O5 MAN C . -3.96 -24.93 7.99
O6 MAN C . -1.48 -27.54 7.28
C1 MAN C . 6.49 -23.22 5.39
C2 MAN C . 6.01 -23.50 3.97
C3 MAN C . 5.86 -25.00 3.78
C4 MAN C . 7.15 -25.74 4.08
C5 MAN C . 7.58 -25.37 5.48
C6 MAN C . 8.90 -26.04 5.80
O2 MAN C . 6.94 -22.92 3.06
O3 MAN C . 5.53 -25.34 2.43
O4 MAN C . 6.91 -27.14 4.00
O5 MAN C . 7.70 -23.93 5.62
O6 MAN C . 9.36 -25.33 6.94
C1 MAN C . 8.91 -25.91 8.20
C2 MAN C . 8.46 -25.01 9.37
C3 MAN C . 9.74 -24.61 10.11
C4 MAN C . 10.46 -25.90 10.56
C5 MAN C . 10.52 -27.07 9.54
C6 MAN C . 10.73 -28.41 10.20
O2 MAN C . 7.61 -25.69 10.34
O3 MAN C . 9.45 -23.70 11.18
O4 MAN C . 11.81 -25.52 10.85
O5 MAN C . 9.36 -27.19 8.68
O6 MAN C . 10.82 -29.47 9.23
C1 MAN C . 6.31 -25.10 10.62
C2 MAN C . 5.91 -25.30 12.08
C3 MAN C . 5.73 -26.79 12.37
C4 MAN C . 4.67 -27.38 11.41
C5 MAN C . 5.00 -27.04 9.95
C6 MAN C . 3.84 -27.41 9.03
O2 MAN C . 4.69 -24.59 12.41
O3 MAN C . 5.37 -26.96 13.74
O4 MAN C . 4.63 -28.81 11.57
O5 MAN C . 5.27 -25.64 9.80
O6 MAN C . 4.13 -26.99 7.68
C1 MAN C . 4.27 -26.01 2.39
C2 MAN C . 4.03 -26.46 0.97
C3 MAN C . 3.74 -25.26 0.07
C4 MAN C . 2.62 -24.39 0.66
C5 MAN C . 3.03 -23.99 2.08
C6 MAN C . 2.09 -23.01 2.80
O2 MAN C . 2.91 -27.34 0.99
O3 MAN C . 3.39 -25.72 -1.23
O4 MAN C . 2.42 -23.24 -0.15
O5 MAN C . 3.19 -25.19 2.84
O6 MAN C . 0.94 -23.68 3.34
C1 NAG D . -15.37 -6.45 19.92
C2 NAG D . -15.31 -6.14 18.42
C3 NAG D . -16.75 -6.07 17.89
C4 NAG D . -17.49 -7.36 18.20
C5 NAG D . -17.38 -7.64 19.71
C6 NAG D . -18.04 -8.92 20.20
C7 NAG D . -13.40 -4.71 17.82
C8 NAG D . -12.83 -3.33 17.91
N2 NAG D . -14.62 -4.87 18.35
O3 NAG D . -16.75 -5.79 16.49
O4 NAG D . -18.86 -7.21 17.83
O5 NAG D . -16.00 -7.73 20.07
O6 NAG D . -17.54 -9.98 19.40
O7 NAG D . -12.78 -5.60 17.27
C1 NAG D . -19.22 -7.89 16.61
C2 NAG D . -20.74 -8.03 16.56
C3 NAG D . -21.18 -8.64 15.23
C4 NAG D . -20.60 -7.89 14.05
C5 NAG D . -19.07 -7.76 14.19
C6 NAG D . -18.44 -6.94 13.06
C7 NAG D . -21.71 -8.47 18.79
C8 NAG D . -22.04 -9.57 19.76
N2 NAG D . -21.16 -8.90 17.65
O3 NAG D . -22.61 -8.65 15.13
O4 NAG D . -20.87 -8.65 12.87
O5 NAG D . -18.75 -7.17 15.46
O6 NAG D . -18.91 -5.59 13.08
O7 NAG D . -21.93 -7.29 19.04
C1 BMA D . -21.57 -7.94 11.86
C2 BMA D . -21.41 -8.73 10.57
C3 BMA D . -22.10 -8.00 9.42
C4 BMA D . -23.58 -7.79 9.77
C5 BMA D . -23.84 -7.29 11.21
C6 BMA D . -25.24 -7.69 11.70
O2 BMA D . -22.00 -10.03 10.73
O3 BMA D . -21.86 -8.76 8.21
O4 BMA D . -24.14 -6.81 8.89
O5 BMA D . -22.94 -7.78 12.21
O6 BMA D . -26.27 -6.98 11.01
C1 MAN D . -21.72 -7.93 7.01
C2 MAN D . -21.33 -8.81 5.80
C3 MAN D . -19.87 -9.26 5.95
C4 MAN D . -18.97 -8.03 6.04
C5 MAN D . -19.40 -7.12 7.20
C6 MAN D . -18.57 -5.84 7.19
O2 MAN D . -21.40 -8.10 4.56
O3 MAN D . -19.51 -10.05 4.82
O4 MAN D . -17.61 -8.42 6.21
O5 MAN D . -20.82 -6.81 7.09
O6 MAN D . -19.00 -4.99 8.24
C1 MAN D . -22.71 -7.96 3.97
C2 MAN D . -22.55 -7.91 2.45
C3 MAN D . -21.82 -6.63 2.02
C4 MAN D . -22.63 -5.42 2.50
C5 MAN D . -22.85 -5.50 4.01
C6 MAN D . -23.80 -4.40 4.49
O2 MAN D . -23.85 -7.85 1.82
O3 MAN D . -21.68 -6.59 0.60
O4 MAN D . -21.93 -4.21 2.14
O5 MAN D . -23.40 -6.78 4.42
O6 MAN D . -23.36 -3.96 5.77
C1 MAN D . -24.42 -9.07 1.34
C2 MAN D . -25.51 -8.69 0.33
C3 MAN D . -26.59 -7.84 1.02
C4 MAN D . -27.16 -8.60 2.22
C5 MAN D . -26.08 -9.21 3.11
C6 MAN D . -26.68 -10.24 4.07
O2 MAN D . -26.11 -9.86 -0.24
O3 MAN D . -27.60 -7.48 0.08
O4 MAN D . -27.97 -7.71 2.99
O5 MAN D . -25.03 -9.86 2.37
O6 MAN D . -25.66 -10.77 4.93
C1 GLC E . -19.36 -0.75 -7.65
C2 GLC E . -18.05 -0.18 -7.10
C3 GLC E . -16.88 -0.58 -8.01
C4 GLC E . -17.19 -1.86 -8.77
C5 GLC E . -18.39 -1.62 -9.68
C6 GLC E . -19.06 -2.94 -10.02
O1 GLC E . -20.49 -0.01 -7.14
O2 GLC E . -18.12 1.25 -7.02
O3 GLC E . -15.70 -0.75 -7.20
O4 GLC E . -16.06 -2.28 -9.56
O5 GLC E . -19.34 -0.69 -9.10
O6 GLC E . -18.46 -3.48 -11.21
C1 GAL E . -15.22 -3.20 -8.84
C2 GAL E . -13.96 -3.46 -9.69
C3 GAL E . -12.90 -4.21 -8.88
C4 GAL E . -12.63 -3.47 -7.59
C5 GAL E . -13.95 -3.39 -6.83
C6 GAL E . -13.74 -2.81 -5.43
O2 GAL E . -14.32 -4.23 -10.84
O3 GAL E . -11.69 -4.30 -9.65
O4 GAL E . -12.13 -2.14 -7.91
O5 GAL E . -14.87 -2.59 -7.58
O6 GAL E . -14.81 -3.22 -4.56
C1 GAL E . -10.78 -1.95 -7.46
C2 GAL E . -10.28 -0.63 -8.00
C3 GAL E . -8.90 -0.32 -7.45
C4 GAL E . -8.95 -0.40 -5.93
C5 GAL E . -9.46 -1.77 -5.53
C6 GAL E . -9.49 -1.88 -4.00
O2 GAL E . -10.22 -0.68 -9.43
O3 GAL E . -8.48 0.99 -7.88
O4 GAL E . -9.83 0.60 -5.39
O5 GAL E . -10.79 -1.93 -6.02
O6 GAL E . -8.18 -1.60 -3.48
C1 NAG F . -25.11 26.65 -10.99
C2 NAG F . -26.60 26.58 -10.64
C3 NAG F . -27.40 26.68 -11.95
C4 NAG F . -26.95 27.83 -12.87
C5 NAG F . -25.44 28.06 -12.86
C6 NAG F . -25.00 29.41 -13.43
C7 NAG F . -26.62 25.06 -8.66
C8 NAG F . -27.17 23.76 -8.13
N2 NAG F . -27.00 25.38 -9.91
O3 NAG F . -28.79 26.83 -11.64
O4 NAG F . -27.35 27.50 -14.21
O5 NAG F . -24.97 27.97 -11.52
O6 NAG F . -23.56 29.44 -13.49
O7 NAG F . -25.87 25.75 -7.97
C1 NAG G . -4.58 -18.68 -30.74
C2 NAG G . -5.28 -19.34 -31.96
C3 NAG G . -6.72 -19.75 -31.63
C4 NAG G . -7.20 -19.19 -30.28
C5 NAG G . -6.77 -17.72 -30.13
C6 NAG G . -7.21 -17.14 -28.78
C7 NAG G . -5.31 -18.84 -34.40
C8 NAG G . -5.29 -17.75 -35.44
N2 NAG G . -5.27 -18.43 -33.11
O3 NAG G . -6.87 -21.18 -31.63
O4 NAG G . -8.62 -19.32 -30.17
O5 NAG G . -5.34 -17.55 -30.29
O6 NAG G . -8.21 -16.14 -28.99
O7 NAG G . -5.37 -20.01 -34.75
C1 NAG H . 24.21 -14.70 -24.47
C2 NAG H . 23.84 -14.18 -25.87
C3 NAG H . 25.06 -13.46 -26.46
C4 NAG H . 25.49 -12.32 -25.54
C5 NAG H . 25.78 -12.90 -24.15
C6 NAG H . 26.19 -11.83 -23.12
C7 NAG H . 22.10 -15.48 -27.08
C8 NAG H . 21.88 -16.63 -28.02
N2 NAG H . 23.39 -15.26 -26.75
O3 NAG H . 24.75 -12.94 -27.76
O4 NAG H . 26.62 -11.62 -26.09
O5 NAG H . 24.61 -13.58 -23.66
O6 NAG H . 26.77 -12.49 -22.00
O7 NAG H . 21.16 -14.81 -26.67
C1 NAG I . 31.70 -38.36 -16.15
C2 NAG I . 32.74 -39.34 -16.74
C3 NAG I . 32.40 -40.80 -16.38
C4 NAG I . 32.05 -40.94 -14.90
C5 NAG I . 30.91 -39.96 -14.56
C6 NAG I . 30.34 -40.11 -13.15
C7 NAG I . 33.95 -39.26 -18.93
C8 NAG I . 33.81 -38.96 -20.40
N2 NAG I . 32.84 -39.12 -18.19
O3 NAG I . 33.50 -41.66 -16.71
O4 NAG I . 31.70 -42.29 -14.62
O5 NAG I . 31.41 -38.62 -14.77
O6 NAG I . 31.21 -39.54 -12.17
O7 NAG I . 35.02 -39.61 -18.47
C1 NAG J . -30.61 25.73 27.85
C2 NAG J . -31.23 26.47 29.04
C3 NAG J . -31.21 27.98 28.83
C4 NAG J . -29.81 28.50 28.48
C5 NAG J . -29.34 27.73 27.24
C6 NAG J . -28.00 28.24 26.74
C7 NAG J . -33.11 25.68 30.43
C8 NAG J . -34.57 25.29 30.45
N2 NAG J . -32.61 26.04 29.24
O3 NAG J . -31.68 28.62 30.01
O4 NAG J . -29.80 29.92 28.28
O5 NAG J . -29.32 26.31 27.54
O6 NAG J . -27.27 27.23 26.03
O7 NAG J . -32.45 25.65 31.45
C1 NAG K . -34.36 8.16 6.20
C2 NAG K . -33.98 7.00 5.27
C3 NAG K . -33.84 7.49 3.83
C4 NAG K . -35.10 8.27 3.41
C5 NAG K . -35.27 9.42 4.41
C6 NAG K . -36.39 10.41 4.08
C7 NAG K . -32.53 5.11 5.96
C8 NAG K . -31.16 4.73 6.45
N2 NAG K . -32.73 6.42 5.73
O3 NAG K . -33.61 6.37 2.97
O4 NAG K . -35.01 8.73 2.07
O5 NAG K . -35.52 8.83 5.69
O6 NAG K . -37.64 9.73 4.04
O7 NAG K . -33.39 4.24 5.80
#